data_2QYK
#
_entry.id   2QYK
#
_cell.length_a   105.443
_cell.length_b   105.443
_cell.length_c   166.103
_cell.angle_alpha   90.00
_cell.angle_beta   90.00
_cell.angle_gamma   90.00
#
_symmetry.space_group_name_H-M   'P 41 21 2'
#
loop_
_entity.id
_entity.type
_entity.pdbx_description
1 polymer 'Cyclic AMP-specific phosphodiesterase HSPDE4A10'
2 non-polymer '4-[8-(3-nitrophenyl)-1,7-naphthyridin-6-yl]benzoic acid'
3 non-polymer 'ZINC ION'
4 non-polymer 'MAGNESIUM ION'
5 water water
#
_entity_poly.entity_id   1
_entity_poly.type   'polypeptide(L)'
_entity_poly.pdbx_seq_one_letter_code
;HMNIPRFGVKTDQEELLAQELENLNKWGLNIFCVSDYAGGRSLTCIMYMIFQERDLLKKFRIPVDTMVTYMLTLEDHYHA
DVAYHNSLHAADVLQSTHVLLATPALDAVFTDLEILAALFAAAIHDVDHPGVSNQFLINTNSELALMYNDESVLENHHLA
VGFKLLQEDNCDIFQNLSKRQRQSLRKMVIDMVLATDMSKHMTLLADLKTMVETKKVTSSGVLLLDNYSDRIQVLRNMVH
CADLSNPTKPLELYRQWTDRIMAEFFQQGDRERERGMEISPMCDKHTASVEKSQVGFIDYIVHPLWETWADLVHPDAQEI
LDTLEDNRDWYYSAI
;
_entity_poly.pdbx_strand_id   A,B
#
# COMPACT_ATOMS: atom_id res chain seq x y z
N MET A 2 -15.06 -33.95 -33.68
CA MET A 2 -15.61 -32.58 -33.48
C MET A 2 -15.07 -31.62 -34.53
N ASN A 3 -15.71 -30.46 -34.65
CA ASN A 3 -15.30 -29.47 -35.64
C ASN A 3 -14.36 -28.42 -35.07
N ILE A 4 -13.34 -28.06 -35.84
CA ILE A 4 -12.36 -27.06 -35.42
C ILE A 4 -12.55 -25.79 -36.26
N PRO A 5 -13.18 -24.76 -35.69
CA PRO A 5 -13.39 -23.50 -36.42
C PRO A 5 -12.10 -22.82 -36.85
N ARG A 6 -12.23 -21.85 -37.75
CA ARG A 6 -11.09 -21.11 -38.26
C ARG A 6 -10.24 -20.56 -37.13
N PHE A 7 -10.86 -19.88 -36.18
CA PHE A 7 -10.15 -19.30 -35.05
C PHE A 7 -10.33 -20.07 -33.73
N GLY A 8 -10.53 -21.37 -33.83
CA GLY A 8 -10.68 -22.21 -32.66
C GLY A 8 -12.05 -22.24 -31.99
N VAL A 9 -12.86 -21.25 -32.27
CA VAL A 9 -14.18 -21.19 -31.66
C VAL A 9 -15.24 -20.75 -32.67
N LYS A 10 -16.51 -21.01 -32.38
CA LYS A 10 -17.58 -20.60 -33.26
C LYS A 10 -17.73 -19.08 -33.18
N THR A 11 -18.12 -18.45 -34.28
CA THR A 11 -18.29 -17.00 -34.30
C THR A 11 -19.19 -16.50 -35.43
N ASP A 12 -20.08 -15.57 -35.11
CA ASP A 12 -20.99 -14.99 -36.09
C ASP A 12 -20.44 -13.65 -36.60
N GLN A 13 -19.19 -13.37 -36.26
CA GLN A 13 -18.53 -12.14 -36.68
C GLN A 13 -17.09 -12.50 -37.00
N GLU A 14 -16.92 -13.50 -37.86
CA GLU A 14 -15.60 -13.97 -38.22
C GLU A 14 -14.65 -12.93 -38.79
N GLU A 15 -15.20 -11.93 -39.49
CA GLU A 15 -14.35 -10.91 -40.09
C GLU A 15 -13.83 -9.91 -39.06
N LEU A 16 -14.70 -9.49 -38.13
CA LEU A 16 -14.28 -8.57 -37.09
C LEU A 16 -13.23 -9.26 -36.22
N LEU A 17 -13.45 -10.55 -35.95
CA LEU A 17 -12.54 -11.35 -35.14
C LEU A 17 -11.20 -11.47 -35.85
N ALA A 18 -11.23 -11.79 -37.14
CA ALA A 18 -10.01 -11.92 -37.92
C ALA A 18 -9.24 -10.62 -37.84
N GLN A 19 -9.97 -9.52 -37.94
CA GLN A 19 -9.39 -8.19 -37.89
C GLN A 19 -8.63 -7.96 -36.58
N GLU A 20 -9.31 -8.17 -35.46
CA GLU A 20 -8.69 -7.98 -34.16
C GLU A 20 -7.49 -8.91 -33.93
N LEU A 21 -7.60 -10.14 -34.40
CA LEU A 21 -6.52 -11.10 -34.22
C LEU A 21 -5.23 -10.74 -34.95
N GLU A 22 -5.26 -9.73 -35.81
CA GLU A 22 -4.03 -9.34 -36.50
C GLU A 22 -3.08 -8.73 -35.47
N ASN A 23 -3.63 -8.41 -34.29
CA ASN A 23 -2.85 -7.82 -33.21
C ASN A 23 -2.42 -8.88 -32.18
N LEU A 24 -2.61 -10.16 -32.53
CA LEU A 24 -2.27 -11.26 -31.63
C LEU A 24 -0.92 -11.11 -30.93
N ASN A 25 0.10 -10.70 -31.67
CA ASN A 25 1.43 -10.55 -31.11
C ASN A 25 1.73 -9.14 -30.61
N LYS A 26 0.69 -8.35 -30.36
CA LYS A 26 0.90 -6.98 -29.91
C LYS A 26 0.29 -6.66 -28.54
N TRP A 27 0.96 -5.80 -27.80
CA TRP A 27 0.49 -5.38 -26.49
C TRP A 27 -0.87 -4.70 -26.67
N GLY A 28 -1.05 -4.06 -27.82
CA GLY A 28 -2.28 -3.34 -28.12
C GLY A 28 -3.53 -4.16 -28.39
N LEU A 29 -3.35 -5.47 -28.57
CA LEU A 29 -4.49 -6.36 -28.82
C LEU A 29 -5.61 -6.00 -27.84
N ASN A 30 -6.86 -6.01 -28.31
CA ASN A 30 -7.98 -5.71 -27.43
C ASN A 30 -8.74 -6.99 -27.16
N ILE A 31 -8.38 -7.66 -26.07
CA ILE A 31 -9.02 -8.91 -25.70
C ILE A 31 -10.53 -8.80 -25.52
N PHE A 32 -11.01 -7.63 -25.11
CA PHE A 32 -12.45 -7.44 -24.90
C PHE A 32 -13.23 -7.63 -26.21
N CYS A 33 -12.74 -7.06 -27.30
CA CYS A 33 -13.39 -7.22 -28.59
C CYS A 33 -13.29 -8.66 -29.05
N VAL A 34 -12.13 -9.28 -28.81
CA VAL A 34 -11.93 -10.67 -29.20
C VAL A 34 -12.99 -11.51 -28.50
N SER A 35 -13.25 -11.20 -27.23
CA SER A 35 -14.24 -11.92 -26.46
C SER A 35 -15.64 -11.76 -27.07
N ASP A 36 -16.00 -10.53 -27.40
CA ASP A 36 -17.31 -10.28 -27.99
C ASP A 36 -17.54 -11.08 -29.27
N TYR A 37 -16.54 -11.08 -30.14
CA TYR A 37 -16.63 -11.79 -31.40
C TYR A 37 -16.50 -13.30 -31.24
N ALA A 38 -15.76 -13.71 -30.21
CA ALA A 38 -15.55 -15.13 -29.95
C ALA A 38 -16.68 -15.74 -29.13
N GLY A 39 -17.78 -15.01 -29.01
CA GLY A 39 -18.91 -15.51 -28.26
C GLY A 39 -18.60 -15.81 -26.81
N GLY A 40 -17.64 -15.08 -26.25
CA GLY A 40 -17.27 -15.28 -24.86
C GLY A 40 -16.17 -16.31 -24.64
N ARG A 41 -15.71 -16.94 -25.71
CA ARG A 41 -14.63 -17.93 -25.61
C ARG A 41 -13.28 -17.29 -25.89
N SER A 42 -12.95 -16.25 -25.13
CA SER A 42 -11.70 -15.55 -25.32
C SER A 42 -10.48 -16.42 -25.01
N LEU A 43 -10.56 -17.22 -23.95
CA LEU A 43 -9.43 -18.07 -23.60
C LEU A 43 -9.21 -19.17 -24.64
N THR A 44 -10.27 -19.87 -25.02
CA THR A 44 -10.15 -20.94 -26.02
C THR A 44 -9.65 -20.36 -27.35
N CYS A 45 -10.18 -19.20 -27.74
CA CYS A 45 -9.74 -18.58 -29.00
C CYS A 45 -8.29 -18.12 -28.96
N ILE A 46 -7.95 -17.21 -28.04
CA ILE A 46 -6.59 -16.70 -27.96
C ILE A 46 -5.56 -17.80 -27.76
N MET A 47 -5.88 -18.81 -26.97
CA MET A 47 -4.94 -19.90 -26.74
C MET A 47 -4.77 -20.72 -28.02
N TYR A 48 -5.87 -20.98 -28.71
CA TYR A 48 -5.81 -21.74 -29.96
C TYR A 48 -4.91 -21.01 -30.95
N MET A 49 -5.11 -19.71 -31.05
CA MET A 49 -4.35 -18.88 -31.99
C MET A 49 -2.88 -18.76 -31.63
N ILE A 50 -2.59 -18.67 -30.33
CA ILE A 50 -1.22 -18.54 -29.87
C ILE A 50 -0.48 -19.85 -30.15
N PHE A 51 -1.16 -20.98 -29.96
CA PHE A 51 -0.53 -22.27 -30.21
C PHE A 51 -0.29 -22.49 -31.70
N GLN A 52 -1.21 -22.02 -32.54
CA GLN A 52 -1.04 -22.15 -33.98
C GLN A 52 0.11 -21.24 -34.40
N GLU A 53 0.05 -19.99 -33.93
CA GLU A 53 1.05 -18.98 -34.20
C GLU A 53 2.46 -19.49 -33.91
N ARG A 54 2.63 -20.18 -32.79
CA ARG A 54 3.93 -20.70 -32.39
C ARG A 54 4.19 -22.13 -32.86
N ASP A 55 3.24 -22.68 -33.61
CA ASP A 55 3.38 -24.04 -34.14
C ASP A 55 3.59 -25.06 -33.03
N LEU A 56 2.99 -24.81 -31.87
CA LEU A 56 3.13 -25.70 -30.72
C LEU A 56 2.41 -27.04 -30.86
N LEU A 57 1.33 -27.09 -31.62
CA LEU A 57 0.62 -28.35 -31.79
C LEU A 57 1.52 -29.34 -32.52
N LYS A 58 2.17 -28.88 -33.58
CA LYS A 58 3.06 -29.75 -34.34
C LYS A 58 4.31 -30.09 -33.54
N LYS A 59 4.88 -29.07 -32.90
CA LYS A 59 6.09 -29.22 -32.12
C LYS A 59 5.99 -30.27 -31.00
N PHE A 60 4.83 -30.37 -30.37
CA PHE A 60 4.67 -31.31 -29.28
C PHE A 60 3.68 -32.41 -29.59
N ARG A 61 3.32 -32.53 -30.86
CA ARG A 61 2.38 -33.54 -31.32
C ARG A 61 1.09 -33.53 -30.51
N ILE A 62 0.51 -32.36 -30.36
CA ILE A 62 -0.73 -32.20 -29.62
C ILE A 62 -1.93 -32.30 -30.56
N PRO A 63 -2.72 -33.37 -30.45
CA PRO A 63 -3.89 -33.52 -31.34
C PRO A 63 -4.76 -32.29 -31.18
N VAL A 64 -5.17 -31.69 -32.31
CA VAL A 64 -5.96 -30.47 -32.27
C VAL A 64 -7.28 -30.57 -31.53
N ASP A 65 -7.97 -31.71 -31.66
CA ASP A 65 -9.25 -31.88 -30.97
C ASP A 65 -9.00 -32.00 -29.47
N THR A 66 -7.85 -32.54 -29.10
CA THR A 66 -7.50 -32.69 -27.69
C THR A 66 -7.21 -31.31 -27.11
N MET A 67 -6.52 -30.48 -27.89
CA MET A 67 -6.19 -29.13 -27.43
C MET A 67 -7.44 -28.29 -27.22
N VAL A 68 -8.35 -28.32 -28.20
CA VAL A 68 -9.57 -27.56 -28.11
C VAL A 68 -10.47 -28.08 -27.00
N THR A 69 -10.49 -29.40 -26.83
CA THR A 69 -11.31 -30.00 -25.78
C THR A 69 -10.80 -29.54 -24.41
N TYR A 70 -9.48 -29.58 -24.20
CA TYR A 70 -8.93 -29.16 -22.93
C TYR A 70 -9.18 -27.67 -22.70
N MET A 71 -8.93 -26.85 -23.72
CA MET A 71 -9.14 -25.42 -23.61
C MET A 71 -10.59 -25.07 -23.28
N LEU A 72 -11.53 -25.73 -23.94
CA LEU A 72 -12.93 -25.48 -23.66
C LEU A 72 -13.21 -25.88 -22.21
N THR A 73 -12.60 -26.97 -21.77
CA THR A 73 -12.79 -27.48 -20.42
C THR A 73 -12.18 -26.50 -19.41
N LEU A 74 -10.97 -26.03 -19.71
CA LEU A 74 -10.30 -25.09 -18.83
C LEU A 74 -11.14 -23.82 -18.70
N GLU A 75 -11.52 -23.25 -19.84
CA GLU A 75 -12.32 -22.03 -19.83
C GLU A 75 -13.63 -22.26 -19.10
N ASP A 76 -14.23 -23.44 -19.27
CA ASP A 76 -15.48 -23.76 -18.59
C ASP A 76 -15.29 -23.74 -17.07
N HIS A 77 -14.06 -23.92 -16.61
CA HIS A 77 -13.82 -23.93 -15.17
C HIS A 77 -13.46 -22.58 -14.54
N TYR A 78 -13.56 -21.51 -15.33
CA TYR A 78 -13.35 -20.17 -14.82
C TYR A 78 -14.81 -19.75 -14.55
N HIS A 79 -15.05 -19.05 -13.45
CA HIS A 79 -16.42 -18.65 -13.10
C HIS A 79 -16.90 -17.40 -13.81
N ALA A 80 -17.98 -17.55 -14.57
CA ALA A 80 -18.56 -16.42 -15.30
C ALA A 80 -19.18 -15.40 -14.35
N ASP A 81 -19.58 -15.84 -13.16
CA ASP A 81 -20.20 -14.95 -12.18
C ASP A 81 -19.19 -14.13 -11.36
N VAL A 82 -17.91 -14.27 -11.69
CA VAL A 82 -16.86 -13.51 -11.02
C VAL A 82 -16.50 -12.36 -11.97
N ALA A 83 -16.60 -11.13 -11.48
CA ALA A 83 -16.35 -9.93 -12.28
C ALA A 83 -14.97 -9.78 -12.92
N TYR A 84 -13.92 -10.09 -12.17
CA TYR A 84 -12.57 -9.95 -12.71
C TYR A 84 -11.89 -11.28 -13.01
N HIS A 85 -11.83 -12.16 -12.02
CA HIS A 85 -11.15 -13.43 -12.23
C HIS A 85 -11.95 -14.48 -12.98
N ASN A 86 -12.35 -14.13 -14.20
CA ASN A 86 -13.08 -15.04 -15.06
C ASN A 86 -12.14 -15.37 -16.22
N SER A 87 -12.62 -16.07 -17.25
CA SER A 87 -11.74 -16.44 -18.36
C SER A 87 -11.09 -15.29 -19.12
N LEU A 88 -11.77 -14.15 -19.18
CA LEU A 88 -11.21 -13.00 -19.90
C LEU A 88 -9.85 -12.61 -19.29
N HIS A 89 -9.75 -12.64 -17.97
CA HIS A 89 -8.50 -12.32 -17.28
C HIS A 89 -7.44 -13.35 -17.67
N ALA A 90 -7.82 -14.62 -17.70
CA ALA A 90 -6.89 -15.69 -18.07
C ALA A 90 -6.36 -15.48 -19.50
N ALA A 91 -7.26 -15.19 -20.42
CA ALA A 91 -6.89 -14.97 -21.82
C ALA A 91 -5.95 -13.78 -21.94
N ASP A 92 -6.22 -12.73 -21.17
CA ASP A 92 -5.39 -11.54 -21.19
C ASP A 92 -3.98 -11.83 -20.65
N VAL A 93 -3.89 -12.56 -19.54
CA VAL A 93 -2.56 -12.86 -18.99
C VAL A 93 -1.80 -13.78 -19.92
N LEU A 94 -2.53 -14.68 -20.58
CA LEU A 94 -1.93 -15.63 -21.53
C LEU A 94 -1.37 -14.81 -22.70
N GLN A 95 -2.23 -14.01 -23.31
CA GLN A 95 -1.85 -13.19 -24.46
C GLN A 95 -0.69 -12.27 -24.11
N SER A 96 -0.75 -11.66 -22.93
CA SER A 96 0.31 -10.76 -22.48
C SER A 96 1.63 -11.48 -22.33
N THR A 97 1.57 -12.71 -21.80
CA THR A 97 2.76 -13.52 -21.61
C THR A 97 3.31 -13.88 -23.00
N HIS A 98 2.40 -14.14 -23.93
CA HIS A 98 2.78 -14.48 -25.30
C HIS A 98 3.60 -13.33 -25.91
N VAL A 99 3.20 -12.10 -25.60
CA VAL A 99 3.92 -10.93 -26.11
C VAL A 99 5.27 -10.75 -25.42
N LEU A 100 5.28 -10.83 -24.08
CA LEU A 100 6.53 -10.67 -23.32
C LEU A 100 7.58 -11.71 -23.71
N LEU A 101 7.12 -12.90 -24.07
CA LEU A 101 8.05 -13.97 -24.46
C LEU A 101 8.83 -13.58 -25.72
N ALA A 102 8.22 -12.77 -26.57
CA ALA A 102 8.84 -12.32 -27.82
C ALA A 102 9.68 -11.05 -27.68
N THR A 103 9.96 -10.62 -26.45
CA THR A 103 10.74 -9.40 -26.27
C THR A 103 12.17 -9.61 -26.81
N PRO A 104 12.66 -8.68 -27.63
CA PRO A 104 13.99 -8.72 -28.23
C PRO A 104 15.11 -9.15 -27.28
N ALA A 105 15.10 -8.59 -26.07
CA ALA A 105 16.12 -8.92 -25.08
C ALA A 105 16.20 -10.39 -24.72
N LEU A 106 15.15 -11.14 -24.99
CA LEU A 106 15.13 -12.56 -24.66
C LEU A 106 15.10 -13.47 -25.88
N ASP A 107 15.44 -12.93 -27.04
CA ASP A 107 15.41 -13.73 -28.26
C ASP A 107 16.25 -15.00 -28.19
N ALA A 108 15.64 -16.11 -28.59
CA ALA A 108 16.30 -17.41 -28.59
C ALA A 108 16.78 -17.89 -27.22
N VAL A 109 16.30 -17.24 -26.17
CA VAL A 109 16.73 -17.63 -24.82
C VAL A 109 16.05 -18.90 -24.29
N PHE A 110 14.74 -19.00 -24.47
CA PHE A 110 13.99 -20.14 -23.96
C PHE A 110 13.72 -21.23 -25.00
N THR A 111 13.66 -22.48 -24.54
CA THR A 111 13.38 -23.59 -25.43
C THR A 111 11.87 -23.62 -25.68
N ASP A 112 11.44 -24.45 -26.61
CA ASP A 112 10.01 -24.56 -26.90
C ASP A 112 9.27 -25.11 -25.67
N LEU A 113 9.92 -25.98 -24.93
CA LEU A 113 9.32 -26.57 -23.73
C LEU A 113 9.10 -25.52 -22.66
N GLU A 114 10.11 -24.65 -22.47
CA GLU A 114 9.99 -23.60 -21.47
C GLU A 114 8.89 -22.63 -21.89
N ILE A 115 8.77 -22.42 -23.21
CA ILE A 115 7.74 -21.53 -23.74
C ILE A 115 6.38 -22.14 -23.53
N LEU A 116 6.29 -23.45 -23.76
CA LEU A 116 5.03 -24.18 -23.58
C LEU A 116 4.58 -24.07 -22.12
N ALA A 117 5.51 -24.30 -21.21
CA ALA A 117 5.24 -24.23 -19.78
C ALA A 117 4.70 -22.86 -19.36
N ALA A 118 5.36 -21.80 -19.81
CA ALA A 118 4.97 -20.43 -19.49
C ALA A 118 3.56 -20.09 -19.95
N LEU A 119 3.21 -20.50 -21.16
CA LEU A 119 1.88 -20.21 -21.70
C LEU A 119 0.80 -21.02 -20.96
N PHE A 120 1.11 -22.28 -20.67
CA PHE A 120 0.18 -23.17 -19.96
C PHE A 120 -0.06 -22.58 -18.57
N ALA A 121 1.02 -22.17 -17.92
CA ALA A 121 0.95 -21.57 -16.60
C ALA A 121 -0.01 -20.38 -16.62
N ALA A 122 0.24 -19.45 -17.54
CA ALA A 122 -0.57 -18.25 -17.68
C ALA A 122 -2.05 -18.58 -17.87
N ALA A 123 -2.34 -19.55 -18.72
CA ALA A 123 -3.70 -19.94 -19.02
C ALA A 123 -4.47 -20.51 -17.82
N ILE A 124 -3.80 -21.29 -16.98
CA ILE A 124 -4.45 -21.90 -15.82
C ILE A 124 -4.25 -21.16 -14.50
N HIS A 125 -3.40 -20.14 -14.48
CA HIS A 125 -3.07 -19.44 -13.23
C HIS A 125 -4.17 -18.98 -12.27
N ASP A 126 -5.41 -18.81 -12.75
CA ASP A 126 -6.52 -18.40 -11.88
C ASP A 126 -7.77 -19.26 -12.05
N VAL A 127 -7.62 -20.47 -12.59
CA VAL A 127 -8.78 -21.32 -12.83
C VAL A 127 -9.54 -21.72 -11.56
N ASP A 128 -10.87 -21.70 -11.69
CA ASP A 128 -11.77 -22.02 -10.60
C ASP A 128 -11.66 -21.02 -9.45
N HIS A 129 -11.27 -19.79 -9.75
CA HIS A 129 -11.14 -18.74 -8.75
C HIS A 129 -12.56 -18.42 -8.26
N PRO A 130 -12.78 -18.41 -6.94
CA PRO A 130 -14.10 -18.15 -6.37
C PRO A 130 -14.50 -16.67 -6.27
N GLY A 131 -13.59 -15.77 -6.62
CA GLY A 131 -13.93 -14.35 -6.54
C GLY A 131 -13.68 -13.72 -5.18
N VAL A 132 -13.00 -14.45 -4.29
CA VAL A 132 -12.66 -13.95 -2.97
C VAL A 132 -11.18 -14.26 -2.72
N SER A 133 -10.53 -13.43 -1.91
CA SER A 133 -9.11 -13.58 -1.60
C SER A 133 -8.76 -14.78 -0.73
N ASN A 134 -7.47 -15.06 -0.61
CA ASN A 134 -7.02 -16.17 0.21
C ASN A 134 -7.44 -15.94 1.67
N GLN A 135 -7.31 -14.70 2.15
CA GLN A 135 -7.64 -14.40 3.55
C GLN A 135 -9.10 -14.70 3.85
N PHE A 136 -9.98 -14.42 2.89
CA PHE A 136 -11.40 -14.69 3.07
C PHE A 136 -11.59 -16.19 3.29
N LEU A 137 -10.94 -17.00 2.45
CA LEU A 137 -11.03 -18.45 2.54
C LEU A 137 -10.44 -18.93 3.87
N ILE A 138 -9.37 -18.28 4.31
CA ILE A 138 -8.74 -18.63 5.58
C ILE A 138 -9.67 -18.26 6.74
N ASN A 139 -10.18 -17.03 6.73
CA ASN A 139 -11.06 -16.58 7.81
C ASN A 139 -12.37 -17.36 7.94
N THR A 140 -12.84 -17.96 6.85
CA THR A 140 -14.09 -18.73 6.90
C THR A 140 -13.86 -20.21 7.20
N ASN A 141 -12.59 -20.59 7.38
CA ASN A 141 -12.23 -21.98 7.66
C ASN A 141 -12.69 -22.90 6.53
N SER A 142 -12.64 -22.40 5.32
CA SER A 142 -13.08 -23.19 4.17
C SER A 142 -12.19 -24.41 3.94
N GLU A 143 -12.77 -25.37 3.23
CA GLU A 143 -12.11 -26.61 2.88
C GLU A 143 -10.77 -26.38 2.17
N LEU A 144 -10.74 -25.42 1.25
CA LEU A 144 -9.50 -25.13 0.50
C LEU A 144 -8.36 -24.63 1.37
N ALA A 145 -8.66 -23.71 2.29
CA ALA A 145 -7.62 -23.20 3.19
C ALA A 145 -7.08 -24.33 4.04
N LEU A 146 -7.95 -25.21 4.52
CA LEU A 146 -7.51 -26.33 5.32
C LEU A 146 -6.68 -27.29 4.47
N MET A 147 -7.13 -27.51 3.24
CA MET A 147 -6.42 -28.39 2.32
C MET A 147 -4.98 -27.93 2.09
N TYR A 148 -4.76 -26.62 2.01
CA TYR A 148 -3.42 -26.10 1.75
C TYR A 148 -2.75 -25.34 2.89
N ASN A 149 -3.17 -25.62 4.12
CA ASN A 149 -2.59 -24.99 5.31
C ASN A 149 -2.50 -23.47 5.27
N ASP A 150 -3.54 -22.82 4.74
CA ASP A 150 -3.60 -21.36 4.62
C ASP A 150 -2.45 -20.76 3.81
N GLU A 151 -1.68 -21.59 3.12
CA GLU A 151 -0.56 -21.08 2.32
C GLU A 151 -0.83 -21.11 0.83
N SER A 152 -0.78 -19.94 0.19
CA SER A 152 -1.04 -19.83 -1.25
C SER A 152 -2.21 -20.76 -1.57
N VAL A 153 -3.29 -20.60 -0.81
CA VAL A 153 -4.47 -21.43 -0.97
C VAL A 153 -5.00 -21.49 -2.39
N LEU A 154 -5.42 -20.33 -2.92
CA LEU A 154 -5.96 -20.27 -4.26
C LEU A 154 -4.97 -20.72 -5.34
N GLU A 155 -3.72 -20.27 -5.24
CA GLU A 155 -2.71 -20.62 -6.22
C GLU A 155 -2.45 -22.13 -6.28
N ASN A 156 -2.40 -22.77 -5.12
CA ASN A 156 -2.22 -24.22 -5.09
C ASN A 156 -3.43 -24.86 -5.76
N HIS A 157 -4.61 -24.32 -5.47
CA HIS A 157 -5.83 -24.87 -6.05
C HIS A 157 -5.87 -24.71 -7.58
N HIS A 158 -5.41 -23.56 -8.08
CA HIS A 158 -5.40 -23.32 -9.52
C HIS A 158 -4.54 -24.39 -10.20
N LEU A 159 -3.39 -24.69 -9.61
CA LEU A 159 -2.49 -25.72 -10.14
C LEU A 159 -3.16 -27.11 -10.14
N ALA A 160 -3.73 -27.48 -9.00
CA ALA A 160 -4.39 -28.77 -8.88
C ALA A 160 -5.48 -28.95 -9.93
N VAL A 161 -6.29 -27.91 -10.12
CA VAL A 161 -7.36 -27.96 -11.10
C VAL A 161 -6.81 -28.02 -12.52
N GLY A 162 -5.94 -27.07 -12.87
CA GLY A 162 -5.35 -27.04 -14.20
C GLY A 162 -4.81 -28.39 -14.64
N PHE A 163 -4.10 -29.06 -13.74
CA PHE A 163 -3.53 -30.38 -14.06
C PHE A 163 -4.57 -31.49 -14.03
N LYS A 164 -5.49 -31.42 -13.08
CA LYS A 164 -6.53 -32.44 -12.96
C LYS A 164 -7.42 -32.51 -14.20
N LEU A 165 -7.76 -31.36 -14.77
CA LEU A 165 -8.61 -31.34 -15.95
C LEU A 165 -7.96 -32.04 -17.15
N LEU A 166 -6.68 -32.31 -17.06
CA LEU A 166 -5.97 -33.00 -18.14
C LEU A 166 -6.48 -34.44 -18.23
N GLN A 167 -7.15 -34.90 -17.17
CA GLN A 167 -7.66 -36.25 -17.12
C GLN A 167 -9.09 -36.45 -17.60
N GLU A 168 -9.80 -35.36 -17.93
CA GLU A 168 -11.16 -35.52 -18.43
C GLU A 168 -11.03 -36.12 -19.83
N ASP A 169 -12.11 -36.64 -20.38
CA ASP A 169 -12.05 -37.29 -21.69
C ASP A 169 -11.40 -36.48 -22.80
N ASN A 170 -10.36 -37.06 -23.40
CA ASN A 170 -9.63 -36.43 -24.50
C ASN A 170 -9.14 -35.03 -24.11
N CYS A 171 -8.52 -34.89 -22.95
CA CYS A 171 -8.02 -33.59 -22.51
C CYS A 171 -6.53 -33.56 -22.21
N ASP A 172 -5.83 -34.68 -22.38
CA ASP A 172 -4.41 -34.71 -22.08
C ASP A 172 -3.55 -34.17 -23.21
N ILE A 173 -3.40 -32.85 -23.26
CA ILE A 173 -2.62 -32.21 -24.30
C ILE A 173 -1.13 -32.55 -24.24
N PHE A 174 -0.68 -33.10 -23.13
CA PHE A 174 0.73 -33.44 -23.00
C PHE A 174 1.00 -34.92 -23.22
N GLN A 175 -0.02 -35.65 -23.68
CA GLN A 175 0.12 -37.09 -23.91
C GLN A 175 1.37 -37.49 -24.69
N ASN A 176 1.75 -36.71 -25.69
CA ASN A 176 2.91 -37.08 -26.49
C ASN A 176 4.27 -36.52 -26.08
N LEU A 177 4.32 -35.82 -24.95
CA LEU A 177 5.60 -35.32 -24.46
C LEU A 177 6.26 -36.50 -23.77
N SER A 178 7.58 -36.50 -23.69
CA SER A 178 8.30 -37.57 -23.01
C SER A 178 8.10 -37.36 -21.51
N LYS A 179 8.44 -38.36 -20.71
CA LYS A 179 8.29 -38.26 -19.27
C LYS A 179 9.15 -37.13 -18.69
N ARG A 180 10.40 -37.02 -19.13
CA ARG A 180 11.28 -35.95 -18.63
C ARG A 180 10.72 -34.57 -18.99
N GLN A 181 10.13 -34.45 -20.18
CA GLN A 181 9.56 -33.18 -20.62
C GLN A 181 8.32 -32.84 -19.78
N ARG A 182 7.49 -33.84 -19.54
CA ARG A 182 6.29 -33.63 -18.73
C ARG A 182 6.67 -33.18 -17.33
N GLN A 183 7.66 -33.83 -16.72
CA GLN A 183 8.09 -33.47 -15.39
C GLN A 183 8.74 -32.09 -15.30
N SER A 184 9.53 -31.74 -16.33
CA SER A 184 10.20 -30.44 -16.35
C SER A 184 9.15 -29.33 -16.46
N LEU A 185 8.19 -29.56 -17.34
CA LEU A 185 7.09 -28.64 -17.59
C LEU A 185 6.28 -28.42 -16.31
N ARG A 186 5.94 -29.52 -15.63
CA ARG A 186 5.14 -29.45 -14.41
C ARG A 186 5.87 -28.66 -13.33
N LYS A 187 7.17 -28.93 -13.19
CA LYS A 187 7.99 -28.24 -12.20
C LYS A 187 7.99 -26.73 -12.44
N MET A 188 8.17 -26.33 -13.70
CA MET A 188 8.19 -24.93 -14.06
C MET A 188 6.83 -24.26 -13.87
N VAL A 189 5.76 -24.96 -14.27
CA VAL A 189 4.40 -24.43 -14.14
C VAL A 189 4.01 -24.21 -12.67
N ILE A 190 4.34 -25.17 -11.81
CA ILE A 190 4.05 -25.08 -10.39
C ILE A 190 4.76 -23.85 -9.84
N ASP A 191 6.00 -23.67 -10.26
CA ASP A 191 6.84 -22.54 -9.85
C ASP A 191 6.24 -21.19 -10.29
N MET A 192 5.81 -21.10 -11.53
CA MET A 192 5.23 -19.85 -12.04
C MET A 192 3.88 -19.48 -11.43
N VAL A 193 2.97 -20.44 -11.30
CA VAL A 193 1.67 -20.12 -10.73
C VAL A 193 1.77 -19.77 -9.24
N LEU A 194 2.61 -20.48 -8.50
CA LEU A 194 2.75 -20.17 -7.08
C LEU A 194 3.27 -18.76 -6.92
N ALA A 195 4.07 -18.31 -7.88
CA ALA A 195 4.63 -16.98 -7.85
C ALA A 195 3.60 -15.87 -8.14
N THR A 196 2.36 -16.25 -8.44
CA THR A 196 1.34 -15.24 -8.71
C THR A 196 0.66 -14.80 -7.41
N ASP A 197 0.96 -15.51 -6.32
CA ASP A 197 0.42 -15.19 -5.00
C ASP A 197 0.98 -13.81 -4.63
N MET A 198 0.10 -12.80 -4.59
CA MET A 198 0.53 -11.44 -4.27
C MET A 198 1.36 -11.28 -2.99
N SER A 199 1.22 -12.20 -2.04
CA SER A 199 1.97 -12.10 -0.80
C SER A 199 3.46 -12.37 -1.01
N LYS A 200 3.81 -12.87 -2.20
CA LYS A 200 5.19 -13.17 -2.53
C LYS A 200 5.79 -12.05 -3.38
N HIS A 201 4.96 -11.06 -3.73
CA HIS A 201 5.39 -9.95 -4.57
C HIS A 201 6.65 -9.21 -4.14
N MET A 202 6.70 -8.77 -2.88
CA MET A 202 7.86 -8.02 -2.40
C MET A 202 9.17 -8.80 -2.50
N THR A 203 9.13 -10.08 -2.14
CA THR A 203 10.32 -10.92 -2.21
C THR A 203 10.73 -11.13 -3.67
N LEU A 204 9.74 -11.39 -4.51
CA LEU A 204 9.97 -11.62 -5.93
C LEU A 204 10.67 -10.41 -6.53
N LEU A 205 10.14 -9.22 -6.29
CA LEU A 205 10.72 -7.99 -6.83
C LEU A 205 12.13 -7.78 -6.28
N ALA A 206 12.34 -8.06 -5.01
CA ALA A 206 13.65 -7.88 -4.41
C ALA A 206 14.66 -8.80 -5.10
N ASP A 207 14.29 -10.06 -5.31
CA ASP A 207 15.19 -11.00 -5.98
C ASP A 207 15.42 -10.62 -7.44
N LEU A 208 14.39 -10.06 -8.07
CA LEU A 208 14.52 -9.66 -9.47
C LEU A 208 15.53 -8.51 -9.60
N LYS A 209 15.46 -7.55 -8.70
CA LYS A 209 16.39 -6.43 -8.73
C LYS A 209 17.82 -6.94 -8.55
N THR A 210 17.98 -7.88 -7.63
CA THR A 210 19.30 -8.44 -7.37
C THR A 210 19.82 -9.09 -8.64
N MET A 211 18.95 -9.82 -9.34
CA MET A 211 19.35 -10.47 -10.57
C MET A 211 19.76 -9.45 -11.63
N VAL A 212 18.99 -8.37 -11.74
CA VAL A 212 19.28 -7.33 -12.70
C VAL A 212 20.63 -6.70 -12.41
N GLU A 213 21.03 -6.69 -11.14
CA GLU A 213 22.32 -6.12 -10.75
C GLU A 213 23.49 -6.78 -11.51
N THR A 214 23.50 -8.11 -11.54
CA THR A 214 24.57 -8.86 -12.22
C THR A 214 24.11 -9.39 -13.57
N LYS A 215 23.23 -8.64 -14.21
CA LYS A 215 22.68 -8.97 -15.52
C LYS A 215 23.75 -9.17 -16.59
N LYS A 216 23.69 -10.29 -17.29
CA LYS A 216 24.66 -10.59 -18.35
C LYS A 216 24.02 -10.46 -19.73
N VAL A 217 24.74 -9.82 -20.65
CA VAL A 217 24.23 -9.61 -21.99
C VAL A 217 25.28 -9.90 -23.07
N THR A 218 24.83 -10.27 -24.27
CA THR A 218 25.74 -10.53 -25.37
C THR A 218 25.96 -9.24 -26.14
N SER A 219 26.56 -9.35 -27.32
CA SER A 219 26.85 -8.19 -28.15
C SER A 219 25.57 -7.51 -28.66
N SER A 220 24.63 -8.33 -29.14
CA SER A 220 23.37 -7.83 -29.67
C SER A 220 22.52 -7.18 -28.58
N GLY A 221 22.88 -7.44 -27.33
CA GLY A 221 22.13 -6.88 -26.23
C GLY A 221 21.12 -7.88 -25.69
N VAL A 222 21.25 -9.13 -26.12
CA VAL A 222 20.35 -10.19 -25.68
C VAL A 222 20.76 -10.75 -24.33
N LEU A 223 19.80 -10.92 -23.44
CA LEU A 223 20.07 -11.45 -22.11
C LEU A 223 20.75 -12.80 -22.18
N LEU A 224 21.63 -13.05 -21.22
CA LEU A 224 22.37 -14.30 -21.14
C LEU A 224 21.92 -15.07 -19.90
N LEU A 225 21.13 -16.13 -20.12
CA LEU A 225 20.65 -16.95 -19.00
C LEU A 225 21.17 -18.37 -19.15
N ASP A 226 22.36 -18.62 -18.60
CA ASP A 226 23.03 -19.91 -18.68
C ASP A 226 22.48 -21.06 -17.84
N ASN A 227 21.84 -20.76 -16.72
CA ASN A 227 21.33 -21.82 -15.87
C ASN A 227 19.81 -21.81 -15.68
N TYR A 228 19.28 -22.97 -15.30
CA TYR A 228 17.86 -23.13 -15.07
C TYR A 228 17.36 -22.07 -14.08
N SER A 229 18.08 -21.93 -12.98
CA SER A 229 17.74 -20.97 -11.94
C SER A 229 17.35 -19.60 -12.50
N ASP A 230 18.21 -19.05 -13.35
CA ASP A 230 17.94 -17.75 -13.96
C ASP A 230 16.78 -17.76 -14.94
N ARG A 231 16.65 -18.83 -15.72
CA ARG A 231 15.56 -18.91 -16.70
C ARG A 231 14.20 -18.94 -16.03
N ILE A 232 14.07 -19.78 -15.00
CA ILE A 232 12.80 -19.89 -14.32
C ILE A 232 12.52 -18.63 -13.51
N GLN A 233 13.56 -17.96 -13.03
CA GLN A 233 13.35 -16.72 -12.27
C GLN A 233 12.76 -15.68 -13.22
N VAL A 234 13.27 -15.62 -14.45
CA VAL A 234 12.78 -14.69 -15.45
C VAL A 234 11.34 -15.04 -15.84
N LEU A 235 11.06 -16.34 -15.97
CA LEU A 235 9.71 -16.78 -16.32
C LEU A 235 8.71 -16.52 -15.18
N ARG A 236 9.13 -16.69 -13.93
CA ARG A 236 8.27 -16.44 -12.77
C ARG A 236 7.81 -14.99 -12.80
N ASN A 237 8.78 -14.10 -12.95
CA ASN A 237 8.53 -12.67 -12.99
C ASN A 237 7.77 -12.25 -14.23
N MET A 238 7.99 -12.96 -15.34
CA MET A 238 7.29 -12.63 -16.58
C MET A 238 5.79 -12.82 -16.40
N VAL A 239 5.41 -13.96 -15.84
CA VAL A 239 4.00 -14.26 -15.61
C VAL A 239 3.42 -13.28 -14.60
N HIS A 240 4.18 -13.00 -13.54
CA HIS A 240 3.74 -12.05 -12.51
C HIS A 240 3.45 -10.69 -13.14
N CYS A 241 4.35 -10.23 -14.01
CA CYS A 241 4.16 -8.94 -14.69
C CYS A 241 2.91 -8.96 -15.57
N ALA A 242 2.73 -10.07 -16.30
CA ALA A 242 1.56 -10.19 -17.17
C ALA A 242 0.29 -10.14 -16.32
N ASP A 243 0.35 -10.79 -15.15
CA ASP A 243 -0.79 -10.83 -14.25
C ASP A 243 -1.09 -9.40 -13.80
N LEU A 244 -0.04 -8.60 -13.61
CA LEU A 244 -0.18 -7.20 -13.19
C LEU A 244 0.11 -6.24 -14.34
N SER A 245 -0.41 -6.52 -15.53
CA SER A 245 -0.16 -5.68 -16.68
C SER A 245 -1.33 -4.75 -17.05
N ASN A 246 -2.46 -4.89 -16.35
CA ASN A 246 -3.62 -4.06 -16.63
C ASN A 246 -3.29 -2.56 -16.68
N PRO A 247 -2.52 -2.06 -15.68
CA PRO A 247 -2.17 -0.64 -15.66
C PRO A 247 -1.24 -0.19 -16.79
N THR A 248 -0.60 -1.14 -17.47
CA THR A 248 0.32 -0.81 -18.57
C THR A 248 -0.36 -0.81 -19.94
N LYS A 249 -1.61 -1.21 -19.99
CA LYS A 249 -2.36 -1.26 -21.24
C LYS A 249 -3.01 0.08 -21.57
N PRO A 250 -3.48 0.27 -22.81
CA PRO A 250 -4.12 1.54 -23.19
C PRO A 250 -5.19 1.89 -22.17
N LEU A 251 -5.25 3.18 -21.81
CA LEU A 251 -6.21 3.67 -20.83
C LEU A 251 -7.62 3.11 -20.99
N GLU A 252 -8.11 3.06 -22.22
CA GLU A 252 -9.46 2.55 -22.46
C GLU A 252 -9.66 1.14 -21.90
N LEU A 253 -8.65 0.29 -22.05
CA LEU A 253 -8.74 -1.07 -21.56
C LEU A 253 -8.52 -1.11 -20.05
N TYR A 254 -7.49 -0.40 -19.60
CA TYR A 254 -7.17 -0.34 -18.17
C TYR A 254 -8.40 0.02 -17.35
N ARG A 255 -9.12 1.06 -17.77
CA ARG A 255 -10.31 1.49 -17.03
C ARG A 255 -11.34 0.37 -16.90
N GLN A 256 -11.51 -0.44 -17.95
CA GLN A 256 -12.47 -1.53 -17.90
C GLN A 256 -12.00 -2.58 -16.89
N TRP A 257 -10.70 -2.88 -16.90
CA TRP A 257 -10.12 -3.85 -15.98
C TRP A 257 -10.32 -3.37 -14.53
N THR A 258 -10.13 -2.07 -14.33
CA THR A 258 -10.28 -1.47 -13.01
C THR A 258 -11.70 -1.59 -12.49
N ASP A 259 -12.69 -1.32 -13.33
CA ASP A 259 -14.08 -1.44 -12.87
C ASP A 259 -14.40 -2.89 -12.50
N ARG A 260 -13.82 -3.84 -13.20
CA ARG A 260 -14.07 -5.25 -12.90
C ARG A 260 -13.48 -5.65 -11.56
N ILE A 261 -12.22 -5.28 -11.31
CA ILE A 261 -11.59 -5.65 -10.06
C ILE A 261 -12.30 -5.01 -8.86
N MET A 262 -12.66 -3.73 -8.97
CA MET A 262 -13.36 -3.06 -7.88
C MET A 262 -14.72 -3.72 -7.61
N ALA A 263 -15.40 -4.14 -8.67
CA ALA A 263 -16.70 -4.80 -8.52
C ALA A 263 -16.53 -6.12 -7.78
N GLU A 264 -15.43 -6.82 -8.06
CA GLU A 264 -15.16 -8.09 -7.38
C GLU A 264 -14.79 -7.80 -5.92
N PHE A 265 -13.93 -6.81 -5.70
CA PHE A 265 -13.53 -6.44 -4.35
C PHE A 265 -14.77 -6.03 -3.54
N PHE A 266 -15.57 -5.13 -4.11
CA PHE A 266 -16.76 -4.66 -3.41
C PHE A 266 -17.72 -5.77 -3.05
N GLN A 267 -17.87 -6.78 -3.91
CA GLN A 267 -18.77 -7.87 -3.57
C GLN A 267 -18.18 -8.70 -2.43
N GLN A 268 -16.86 -8.86 -2.41
CA GLN A 268 -16.27 -9.61 -1.30
C GLN A 268 -16.54 -8.83 -0.01
N GLY A 269 -16.41 -7.51 -0.10
CA GLY A 269 -16.65 -6.66 1.05
C GLY A 269 -18.08 -6.79 1.55
N ASP A 270 -19.05 -6.73 0.66
CA ASP A 270 -20.45 -6.85 1.07
C ASP A 270 -20.69 -8.18 1.77
N ARG A 271 -20.02 -9.22 1.30
CA ARG A 271 -20.18 -10.54 1.90
C ARG A 271 -19.51 -10.61 3.26
N GLU A 272 -18.33 -10.00 3.38
CA GLU A 272 -17.65 -9.98 4.67
C GLU A 272 -18.54 -9.24 5.67
N ARG A 273 -19.13 -8.13 5.23
CA ARG A 273 -20.01 -7.34 6.10
C ARG A 273 -21.20 -8.21 6.52
N GLU A 274 -21.79 -8.91 5.57
CA GLU A 274 -22.93 -9.78 5.86
C GLU A 274 -22.63 -10.82 6.93
N ARG A 275 -21.44 -11.42 6.85
CA ARG A 275 -21.07 -12.47 7.79
C ARG A 275 -20.39 -11.97 9.05
N GLY A 276 -20.35 -10.66 9.24
CA GLY A 276 -19.73 -10.10 10.42
C GLY A 276 -18.22 -10.32 10.44
N MET A 277 -17.60 -10.12 9.28
CA MET A 277 -16.15 -10.29 9.14
C MET A 277 -15.51 -8.93 8.94
N GLU A 278 -14.23 -8.82 9.25
CA GLU A 278 -13.52 -7.56 9.04
C GLU A 278 -13.52 -7.35 7.53
N ILE A 279 -13.81 -6.14 7.07
CA ILE A 279 -13.83 -5.90 5.64
C ILE A 279 -12.40 -5.73 5.13
N SER A 280 -12.05 -6.52 4.11
CA SER A 280 -10.70 -6.47 3.53
C SER A 280 -10.38 -5.13 2.87
N PRO A 281 -9.07 -4.83 2.73
CA PRO A 281 -8.59 -3.59 2.12
C PRO A 281 -9.21 -3.28 0.76
N MET A 282 -9.76 -2.07 0.64
CA MET A 282 -10.39 -1.62 -0.59
C MET A 282 -11.66 -2.34 -0.99
N CYS A 283 -12.19 -3.15 -0.08
CA CYS A 283 -13.42 -3.90 -0.37
C CYS A 283 -14.69 -3.22 0.14
N ASP A 284 -14.52 -2.10 0.86
CA ASP A 284 -15.67 -1.37 1.39
C ASP A 284 -16.08 -0.32 0.36
N LYS A 285 -17.20 -0.55 -0.30
CA LYS A 285 -17.70 0.36 -1.32
C LYS A 285 -18.11 1.70 -0.74
N HIS A 286 -18.41 1.73 0.56
CA HIS A 286 -18.84 2.95 1.22
C HIS A 286 -17.71 3.92 1.51
N THR A 287 -16.46 3.47 1.38
CA THR A 287 -15.33 4.34 1.68
C THR A 287 -14.19 4.25 0.67
N ALA A 288 -14.05 3.11 0.01
CA ALA A 288 -12.98 2.92 -0.96
C ALA A 288 -13.20 3.74 -2.23
N SER A 289 -12.09 4.21 -2.80
CA SER A 289 -12.13 4.98 -4.04
C SER A 289 -11.35 4.27 -5.13
N VAL A 290 -11.98 4.08 -6.27
CA VAL A 290 -11.36 3.42 -7.40
C VAL A 290 -10.08 4.13 -7.86
N GLU A 291 -10.19 5.42 -8.15
CA GLU A 291 -9.04 6.19 -8.60
C GLU A 291 -7.93 6.23 -7.56
N LYS A 292 -8.28 6.51 -6.31
CA LYS A 292 -7.28 6.57 -5.24
C LYS A 292 -6.54 5.24 -5.15
N SER A 293 -7.29 4.15 -5.19
CA SER A 293 -6.69 2.82 -5.11
C SER A 293 -5.71 2.53 -6.23
N GLN A 294 -6.06 2.90 -7.46
CA GLN A 294 -5.15 2.65 -8.58
C GLN A 294 -3.85 3.45 -8.48
N VAL A 295 -3.94 4.71 -8.07
CA VAL A 295 -2.73 5.52 -7.94
C VAL A 295 -1.78 4.83 -6.96
N GLY A 296 -2.31 4.41 -5.82
CA GLY A 296 -1.50 3.74 -4.83
C GLY A 296 -0.96 2.42 -5.34
N PHE A 297 -1.83 1.66 -6.01
CA PHE A 297 -1.47 0.37 -6.58
C PHE A 297 -0.32 0.55 -7.55
N ILE A 298 -0.42 1.52 -8.45
CA ILE A 298 0.65 1.77 -9.40
C ILE A 298 1.90 2.29 -8.69
N ASP A 299 1.73 3.27 -7.81
CA ASP A 299 2.87 3.87 -7.09
C ASP A 299 3.72 2.90 -6.27
N TYR A 300 3.07 1.99 -5.53
CA TYR A 300 3.83 1.09 -4.68
C TYR A 300 3.96 -0.36 -5.09
N ILE A 301 3.19 -0.79 -6.09
CA ILE A 301 3.27 -2.16 -6.55
C ILE A 301 3.65 -2.28 -8.02
N VAL A 302 2.75 -1.82 -8.89
CA VAL A 302 2.93 -1.94 -10.34
C VAL A 302 4.10 -1.21 -11.00
N HIS A 303 4.32 0.06 -10.66
CA HIS A 303 5.42 0.78 -11.29
C HIS A 303 6.78 0.22 -10.85
N PRO A 304 6.92 -0.08 -9.54
CA PRO A 304 8.21 -0.61 -9.11
C PRO A 304 8.54 -1.92 -9.85
N LEU A 305 7.53 -2.78 -10.01
CA LEU A 305 7.74 -4.05 -10.70
C LEU A 305 8.16 -3.86 -12.16
N TRP A 306 7.35 -3.12 -12.90
CA TRP A 306 7.62 -2.88 -14.32
C TRP A 306 8.87 -2.10 -14.57
N GLU A 307 9.17 -1.16 -13.67
CA GLU A 307 10.38 -0.36 -13.81
C GLU A 307 11.57 -1.30 -13.77
N THR A 308 11.49 -2.32 -12.92
CA THR A 308 12.57 -3.29 -12.79
C THR A 308 12.58 -4.21 -14.02
N TRP A 309 11.40 -4.61 -14.49
CA TRP A 309 11.34 -5.45 -15.68
C TRP A 309 11.93 -4.70 -16.87
N ALA A 310 11.55 -3.43 -17.03
CA ALA A 310 12.06 -2.60 -18.12
C ALA A 310 13.58 -2.56 -18.05
N ASP A 311 14.10 -2.50 -16.83
CA ASP A 311 15.52 -2.48 -16.58
C ASP A 311 16.16 -3.76 -17.12
N LEU A 312 15.53 -4.89 -16.81
CA LEU A 312 16.02 -6.20 -17.23
C LEU A 312 16.14 -6.36 -18.74
N VAL A 313 15.11 -5.93 -19.47
CA VAL A 313 15.09 -6.06 -20.92
C VAL A 313 15.28 -4.74 -21.66
N HIS A 314 15.92 -3.77 -21.01
CA HIS A 314 16.13 -2.46 -21.61
C HIS A 314 16.63 -2.53 -23.06
N PRO A 315 16.03 -1.72 -23.96
CA PRO A 315 14.96 -0.77 -23.71
C PRO A 315 13.62 -1.27 -24.25
N ASP A 316 13.50 -2.59 -24.38
CA ASP A 316 12.30 -3.20 -24.93
C ASP A 316 10.97 -2.79 -24.32
N ALA A 317 10.93 -2.57 -23.01
CA ALA A 317 9.69 -2.21 -22.35
C ALA A 317 9.51 -0.72 -22.02
N GLN A 318 10.32 0.14 -22.64
CA GLN A 318 10.23 1.56 -22.37
C GLN A 318 8.85 2.12 -22.70
N GLU A 319 8.29 1.67 -23.81
CA GLU A 319 6.97 2.12 -24.24
C GLU A 319 5.90 1.70 -23.23
N ILE A 320 5.99 0.46 -22.75
CA ILE A 320 5.03 -0.04 -21.78
C ILE A 320 5.12 0.80 -20.50
N LEU A 321 6.34 1.13 -20.11
CA LEU A 321 6.56 1.93 -18.90
C LEU A 321 5.94 3.31 -19.07
N ASP A 322 6.17 3.94 -20.22
CA ASP A 322 5.61 5.27 -20.48
C ASP A 322 4.09 5.27 -20.34
N THR A 323 3.45 4.24 -20.88
CA THR A 323 1.99 4.15 -20.81
C THR A 323 1.55 4.05 -19.36
N LEU A 324 2.28 3.26 -18.58
CA LEU A 324 1.95 3.08 -17.16
C LEU A 324 1.99 4.43 -16.46
N GLU A 325 3.03 5.21 -16.75
CA GLU A 325 3.16 6.52 -16.14
C GLU A 325 2.04 7.45 -16.61
N ASP A 326 1.66 7.35 -17.87
CA ASP A 326 0.58 8.18 -18.40
C ASP A 326 -0.73 7.82 -17.67
N ASN A 327 -0.96 6.52 -17.51
CA ASN A 327 -2.17 6.07 -16.83
C ASN A 327 -2.15 6.50 -15.37
N ARG A 328 -0.97 6.51 -14.77
CA ARG A 328 -0.84 6.93 -13.38
C ARG A 328 -1.27 8.40 -13.32
N ASP A 329 -0.80 9.20 -14.27
CA ASP A 329 -1.16 10.60 -14.33
C ASP A 329 -2.67 10.78 -14.45
N TRP A 330 -3.30 10.01 -15.34
CA TRP A 330 -4.75 10.13 -15.53
C TRP A 330 -5.55 9.83 -14.28
N TYR A 331 -5.28 8.68 -13.66
CA TYR A 331 -6.02 8.33 -12.45
C TYR A 331 -5.81 9.36 -11.35
N TYR A 332 -4.57 9.84 -11.22
CA TYR A 332 -4.27 10.83 -10.20
C TYR A 332 -5.11 12.09 -10.42
N SER A 333 -5.18 12.56 -11.65
CA SER A 333 -5.94 13.76 -11.97
C SER A 333 -7.44 13.49 -11.90
N ALA A 334 -7.82 12.21 -11.97
CA ALA A 334 -9.22 11.83 -11.92
C ALA A 334 -9.72 11.78 -10.48
N ILE A 335 -8.79 11.75 -9.52
CA ILE A 335 -9.16 11.70 -8.12
C ILE A 335 -10.00 12.92 -7.74
N HIS B 1 5.88 34.90 37.02
CA HIS B 1 4.99 34.68 38.18
C HIS B 1 5.30 33.37 38.89
N MET B 2 5.50 32.32 38.10
CA MET B 2 5.81 31.00 38.63
C MET B 2 7.31 30.72 38.49
N ASN B 3 7.81 29.83 39.34
CA ASN B 3 9.23 29.46 39.33
C ASN B 3 9.40 28.29 38.38
N ILE B 4 10.00 28.57 37.23
CA ILE B 4 10.22 27.57 36.19
C ILE B 4 11.25 26.48 36.50
N PRO B 5 10.80 25.23 36.66
CA PRO B 5 11.69 24.10 36.94
C PRO B 5 12.73 23.92 35.84
N ARG B 6 13.85 23.32 36.20
CA ARG B 6 14.96 23.08 35.26
C ARG B 6 14.47 22.53 33.93
N PHE B 7 13.71 21.44 33.97
CA PHE B 7 13.20 20.81 32.75
C PHE B 7 11.74 21.16 32.46
N GLY B 8 11.32 22.33 32.90
CA GLY B 8 9.95 22.80 32.68
C GLY B 8 8.87 22.22 33.57
N VAL B 9 9.14 21.12 34.24
CA VAL B 9 8.17 20.49 35.12
C VAL B 9 8.86 20.02 36.40
N LYS B 10 8.07 19.79 37.43
CA LYS B 10 8.59 19.34 38.72
C LYS B 10 8.94 17.86 38.70
N THR B 11 10.08 17.51 39.28
CA THR B 11 10.51 16.12 39.33
C THR B 11 11.45 15.79 40.49
N ASP B 12 11.35 14.57 41.01
CA ASP B 12 12.21 14.12 42.10
C ASP B 12 13.22 13.13 41.52
N GLN B 13 13.12 12.88 40.22
CA GLN B 13 14.03 11.98 39.51
C GLN B 13 14.66 12.81 38.42
N GLU B 14 15.18 13.96 38.82
CA GLU B 14 15.80 14.92 37.93
C GLU B 14 17.01 14.43 37.12
N GLU B 15 17.88 13.65 37.74
CA GLU B 15 19.04 13.18 37.00
C GLU B 15 18.68 12.13 35.97
N LEU B 16 17.72 11.27 36.32
CA LEU B 16 17.28 10.23 35.39
C LEU B 16 16.62 10.89 34.18
N LEU B 17 15.86 11.96 34.44
CA LEU B 17 15.18 12.67 33.37
C LEU B 17 16.22 13.36 32.49
N ALA B 18 17.18 14.00 33.15
CA ALA B 18 18.25 14.71 32.45
C ALA B 18 18.94 13.78 31.44
N GLN B 19 19.18 12.56 31.88
CA GLN B 19 19.83 11.55 31.07
C GLN B 19 18.97 11.22 29.85
N GLU B 20 17.68 10.99 30.08
CA GLU B 20 16.77 10.69 28.98
C GLU B 20 16.70 11.85 28.02
N LEU B 21 16.66 13.07 28.55
CA LEU B 21 16.56 14.25 27.71
C LEU B 21 17.77 14.47 26.83
N GLU B 22 18.84 13.71 27.06
CA GLU B 22 20.03 13.83 26.23
C GLU B 22 19.73 13.36 24.80
N ASN B 23 18.62 12.63 24.64
CA ASN B 23 18.21 12.12 23.35
C ASN B 23 17.07 12.95 22.74
N LEU B 24 16.86 14.14 23.29
CA LEU B 24 15.80 15.03 22.83
C LEU B 24 15.71 15.15 21.31
N ASN B 25 16.86 15.25 20.65
CA ASN B 25 16.90 15.41 19.20
C ASN B 25 17.10 14.11 18.43
N LYS B 26 16.92 12.98 19.10
CA LYS B 26 17.10 11.67 18.47
C LYS B 26 15.81 10.87 18.34
N TRP B 27 15.74 10.05 17.31
CA TRP B 27 14.57 9.20 17.07
C TRP B 27 14.53 8.16 18.20
N GLY B 28 15.70 7.87 18.76
CA GLY B 28 15.82 6.89 19.84
C GLY B 28 15.32 7.30 21.21
N LEU B 29 14.97 8.57 21.38
CA LEU B 29 14.46 9.06 22.66
C LEU B 29 13.32 8.17 23.13
N ASN B 30 13.28 7.89 24.44
CA ASN B 30 12.20 7.05 24.97
C ASN B 30 11.25 7.93 25.77
N ILE B 31 10.14 8.31 25.15
CA ILE B 31 9.14 9.16 25.77
C ILE B 31 8.48 8.53 27.00
N PHE B 32 8.42 7.20 27.04
CA PHE B 32 7.82 6.51 28.19
C PHE B 32 8.67 6.81 29.44
N CYS B 33 9.99 6.80 29.26
CA CYS B 33 10.89 7.07 30.38
C CYS B 33 10.79 8.54 30.80
N VAL B 34 10.64 9.42 29.81
CA VAL B 34 10.51 10.84 30.10
C VAL B 34 9.29 11.05 30.99
N SER B 35 8.19 10.41 30.62
CA SER B 35 6.95 10.53 31.38
C SER B 35 7.16 10.13 32.83
N ASP B 36 7.70 8.93 33.05
CA ASP B 36 7.92 8.46 34.40
C ASP B 36 8.81 9.40 35.22
N TYR B 37 9.83 9.96 34.59
CA TYR B 37 10.75 10.87 35.28
C TYR B 37 10.27 12.31 35.31
N ALA B 38 9.19 12.60 34.60
CA ALA B 38 8.64 13.95 34.57
C ALA B 38 7.32 14.03 35.30
N GLY B 39 7.03 13.03 36.12
CA GLY B 39 5.79 13.00 36.86
C GLY B 39 4.54 12.88 36.01
N GLY B 40 4.69 12.38 34.79
CA GLY B 40 3.55 12.23 33.91
C GLY B 40 3.37 13.40 32.97
N ARG B 41 4.13 14.47 33.17
CA ARG B 41 4.00 15.63 32.30
C ARG B 41 4.98 15.58 31.14
N SER B 42 4.82 14.56 30.31
CA SER B 42 5.66 14.36 29.14
C SER B 42 5.49 15.46 28.10
N LEU B 43 4.25 15.90 27.88
CA LEU B 43 4.02 16.94 26.88
C LEU B 43 4.58 18.29 27.29
N THR B 44 4.34 18.69 28.53
CA THR B 44 4.85 19.98 29.00
C THR B 44 6.38 19.95 29.00
N CYS B 45 6.97 18.90 29.58
CA CYS B 45 8.42 18.76 29.63
C CYS B 45 9.07 18.81 28.24
N ILE B 46 8.74 17.83 27.40
CA ILE B 46 9.30 17.77 26.06
C ILE B 46 9.09 19.04 25.24
N MET B 47 7.90 19.63 25.30
CA MET B 47 7.65 20.86 24.55
C MET B 47 8.50 22.00 25.11
N TYR B 48 8.64 22.05 26.42
CA TYR B 48 9.46 23.09 27.04
C TYR B 48 10.90 22.98 26.52
N MET B 49 11.43 21.78 26.56
CA MET B 49 12.80 21.51 26.12
C MET B 49 13.01 21.80 24.63
N ILE B 50 12.05 21.38 23.81
CA ILE B 50 12.14 21.61 22.38
C ILE B 50 12.20 23.10 22.07
N PHE B 51 11.32 23.87 22.71
CA PHE B 51 11.29 25.31 22.48
C PHE B 51 12.58 25.98 22.96
N GLN B 52 13.13 25.48 24.06
CA GLN B 52 14.38 26.04 24.57
C GLN B 52 15.46 25.71 23.54
N GLU B 53 15.57 24.42 23.22
CA GLU B 53 16.56 23.92 22.25
C GLU B 53 16.59 24.77 20.99
N ARG B 54 15.41 25.08 20.45
CA ARG B 54 15.31 25.88 19.23
C ARG B 54 15.27 27.38 19.50
N ASP B 55 15.42 27.76 20.78
CA ASP B 55 15.43 29.17 21.17
C ASP B 55 14.18 29.90 20.66
N LEU B 56 13.06 29.20 20.61
CA LEU B 56 11.82 29.79 20.11
C LEU B 56 11.21 30.82 21.06
N LEU B 57 11.47 30.69 22.36
CA LEU B 57 10.94 31.64 23.33
C LEU B 57 11.47 33.03 23.02
N LYS B 58 12.78 33.14 22.80
CA LYS B 58 13.38 34.42 22.50
C LYS B 58 13.06 34.86 21.08
N LYS B 59 13.07 33.92 20.14
CA LYS B 59 12.79 34.27 18.74
C LYS B 59 11.41 34.91 18.56
N PHE B 60 10.42 34.45 19.33
CA PHE B 60 9.08 35.00 19.22
C PHE B 60 8.61 35.76 20.46
N ARG B 61 9.57 36.08 21.33
CA ARG B 61 9.29 36.81 22.57
C ARG B 61 8.14 36.23 23.37
N ILE B 62 8.20 34.92 23.60
CA ILE B 62 7.18 34.22 24.36
C ILE B 62 7.56 34.22 25.84
N PRO B 63 6.78 34.89 26.70
CA PRO B 63 7.12 34.88 28.12
C PRO B 63 7.18 33.42 28.57
N VAL B 64 8.27 33.05 29.24
CA VAL B 64 8.44 31.68 29.69
C VAL B 64 7.32 31.17 30.60
N ASP B 65 6.76 32.03 31.43
CA ASP B 65 5.68 31.62 32.33
C ASP B 65 4.39 31.43 31.55
N THR B 66 4.22 32.20 30.47
CA THR B 66 3.05 32.09 29.62
C THR B 66 3.11 30.76 28.88
N MET B 67 4.30 30.45 28.35
CA MET B 67 4.51 29.21 27.62
C MET B 67 4.20 28.01 28.51
N VAL B 68 4.78 27.99 29.71
CA VAL B 68 4.55 26.88 30.63
C VAL B 68 3.08 26.74 31.06
N THR B 69 2.42 27.88 31.27
CA THR B 69 1.02 27.85 31.67
C THR B 69 0.16 27.26 30.55
N TYR B 70 0.38 27.71 29.30
CA TYR B 70 -0.37 27.19 28.17
C TYR B 70 -0.13 25.68 28.04
N MET B 71 1.14 25.27 28.07
CA MET B 71 1.49 23.85 27.94
C MET B 71 0.85 22.97 29.02
N LEU B 72 0.83 23.45 30.25
CA LEU B 72 0.22 22.69 31.34
C LEU B 72 -1.27 22.58 31.07
N THR B 73 -1.83 23.67 30.57
CA THR B 73 -3.25 23.71 30.27
C THR B 73 -3.57 22.74 29.13
N LEU B 74 -2.78 22.81 28.06
CA LEU B 74 -2.97 21.93 26.92
C LEU B 74 -2.87 20.47 27.34
N GLU B 75 -1.79 20.12 28.03
CA GLU B 75 -1.61 18.73 28.47
C GLU B 75 -2.76 18.29 29.36
N ASP B 76 -3.21 19.19 30.23
CA ASP B 76 -4.31 18.88 31.13
C ASP B 76 -5.60 18.62 30.34
N HIS B 77 -5.62 19.02 29.08
CA HIS B 77 -6.80 18.79 28.26
C HIS B 77 -6.78 17.49 27.48
N TYR B 78 -5.73 16.68 27.69
CA TYR B 78 -5.67 15.36 27.07
C TYR B 78 -6.22 14.44 28.16
N HIS B 79 -7.07 13.49 27.79
CA HIS B 79 -7.68 12.58 28.76
C HIS B 79 -6.75 11.46 29.22
N ALA B 80 -6.48 11.41 30.52
CA ALA B 80 -5.62 10.38 31.09
C ALA B 80 -6.30 9.00 31.02
N ASP B 81 -7.63 8.99 30.94
CA ASP B 81 -8.37 7.73 30.90
C ASP B 81 -8.42 7.09 29.51
N VAL B 82 -7.88 7.80 28.51
CA VAL B 82 -7.84 7.29 27.15
C VAL B 82 -6.51 6.54 26.98
N ALA B 83 -6.60 5.25 26.67
CA ALA B 83 -5.42 4.39 26.54
C ALA B 83 -4.31 4.85 25.59
N TYR B 84 -4.68 5.31 24.40
CA TYR B 84 -3.68 5.75 23.43
C TYR B 84 -3.61 7.26 23.21
N HIS B 85 -4.75 7.87 22.89
CA HIS B 85 -4.80 9.29 22.62
C HIS B 85 -4.78 10.19 23.87
N ASN B 86 -3.70 10.09 24.63
CA ASN B 86 -3.54 10.90 25.83
C ASN B 86 -2.30 11.78 25.60
N SER B 87 -1.90 12.58 26.59
CA SER B 87 -0.76 13.48 26.39
C SER B 87 0.56 12.81 25.98
N LEU B 88 0.75 11.54 26.34
CA LEU B 88 1.99 10.86 25.95
C LEU B 88 2.10 10.77 24.43
N HIS B 89 0.98 10.47 23.77
CA HIS B 89 0.96 10.37 22.30
C HIS B 89 1.28 11.74 21.70
N ALA B 90 0.72 12.81 22.26
CA ALA B 90 0.99 14.15 21.76
C ALA B 90 2.47 14.48 21.91
N ALA B 91 3.02 14.17 23.08
CA ALA B 91 4.44 14.44 23.35
C ALA B 91 5.29 13.68 22.34
N ASP B 92 4.90 12.44 22.06
CA ASP B 92 5.60 11.60 21.10
C ASP B 92 5.58 12.22 19.71
N VAL B 93 4.40 12.59 19.23
CA VAL B 93 4.28 13.17 17.90
C VAL B 93 5.04 14.50 17.79
N LEU B 94 5.00 15.30 18.85
CA LEU B 94 5.71 16.57 18.88
C LEU B 94 7.22 16.35 18.82
N GLN B 95 7.72 15.40 19.61
CA GLN B 95 9.16 15.13 19.62
C GLN B 95 9.64 14.55 18.30
N SER B 96 8.82 13.69 17.69
CA SER B 96 9.15 13.07 16.41
C SER B 96 9.16 14.14 15.32
N THR B 97 8.23 15.09 15.39
CA THR B 97 8.15 16.16 14.43
C THR B 97 9.40 17.02 14.58
N HIS B 98 9.82 17.21 15.84
CA HIS B 98 11.01 18.00 16.15
C HIS B 98 12.22 17.34 15.47
N VAL B 99 12.27 16.02 15.48
CA VAL B 99 13.39 15.34 14.83
C VAL B 99 13.29 15.48 13.30
N LEU B 100 12.12 15.22 12.75
CA LEU B 100 11.92 15.32 11.30
C LEU B 100 12.26 16.68 10.74
N LEU B 101 11.97 17.74 11.48
CA LEU B 101 12.26 19.10 11.03
C LEU B 101 13.77 19.34 10.85
N ALA B 102 14.57 18.59 11.61
CA ALA B 102 16.02 18.74 11.53
C ALA B 102 16.66 17.80 10.52
N THR B 103 15.86 17.09 9.74
CA THR B 103 16.42 16.17 8.76
C THR B 103 17.33 16.96 7.82
N PRO B 104 18.56 16.48 7.61
CA PRO B 104 19.50 17.17 6.73
C PRO B 104 18.96 17.66 5.39
N ALA B 105 18.17 16.83 4.72
CA ALA B 105 17.61 17.20 3.42
C ALA B 105 16.72 18.44 3.46
N LEU B 106 16.24 18.80 4.65
CA LEU B 106 15.38 19.97 4.80
C LEU B 106 16.05 21.17 5.45
N ASP B 107 17.37 21.08 5.62
CA ASP B 107 18.10 22.18 6.24
C ASP B 107 17.94 23.52 5.54
N ALA B 108 17.66 24.56 6.34
CA ALA B 108 17.49 25.93 5.84
C ALA B 108 16.25 26.13 4.97
N VAL B 109 15.39 25.12 4.89
CA VAL B 109 14.19 25.21 4.08
C VAL B 109 13.04 26.02 4.72
N PHE B 110 12.77 25.75 6.00
CA PHE B 110 11.67 26.42 6.70
C PHE B 110 12.04 27.63 7.56
N THR B 111 11.14 28.61 7.59
CA THR B 111 11.34 29.80 8.41
C THR B 111 11.02 29.41 9.84
N ASP B 112 11.39 30.27 10.78
CA ASP B 112 11.11 30.00 12.19
C ASP B 112 9.61 29.95 12.43
N LEU B 113 8.84 30.70 11.66
CA LEU B 113 7.37 30.70 11.83
C LEU B 113 6.78 29.36 11.42
N GLU B 114 7.31 28.78 10.34
CA GLU B 114 6.81 27.49 9.87
C GLU B 114 7.19 26.40 10.86
N ILE B 115 8.37 26.55 11.48
CA ILE B 115 8.83 25.58 12.47
C ILE B 115 7.93 25.69 13.73
N LEU B 116 7.64 26.92 14.13
CA LEU B 116 6.79 27.14 15.30
C LEU B 116 5.40 26.53 15.06
N ALA B 117 4.86 26.77 13.88
CA ALA B 117 3.55 26.25 13.52
C ALA B 117 3.48 24.73 13.58
N ALA B 118 4.48 24.08 13.00
CA ALA B 118 4.53 22.62 12.97
C ALA B 118 4.60 22.01 14.35
N LEU B 119 5.41 22.61 15.22
CA LEU B 119 5.54 22.08 16.57
C LEU B 119 4.23 22.28 17.33
N PHE B 120 3.61 23.43 17.14
CA PHE B 120 2.34 23.74 17.81
C PHE B 120 1.28 22.76 17.30
N ALA B 121 1.23 22.58 15.98
CA ALA B 121 0.26 21.67 15.38
C ALA B 121 0.40 20.28 15.97
N ALA B 122 1.63 19.79 16.05
CA ALA B 122 1.90 18.47 16.59
C ALA B 122 1.44 18.35 18.05
N ALA B 123 1.73 19.36 18.85
CA ALA B 123 1.36 19.34 20.27
C ALA B 123 -0.14 19.32 20.52
N ILE B 124 -0.91 20.00 19.69
CA ILE B 124 -2.36 20.07 19.90
C ILE B 124 -3.18 19.14 19.01
N HIS B 125 -2.54 18.48 18.06
CA HIS B 125 -3.27 17.66 17.09
C HIS B 125 -4.33 16.66 17.58
N ASP B 126 -4.28 16.24 18.84
CA ASP B 126 -5.29 15.29 19.37
C ASP B 126 -5.87 15.73 20.71
N VAL B 127 -5.67 16.99 21.08
CA VAL B 127 -6.17 17.45 22.37
C VAL B 127 -7.67 17.22 22.56
N ASP B 128 -8.01 16.77 23.77
CA ASP B 128 -9.38 16.49 24.17
C ASP B 128 -10.00 15.34 23.38
N HIS B 129 -9.17 14.41 22.92
CA HIS B 129 -9.65 13.24 22.17
C HIS B 129 -10.47 12.38 23.14
N PRO B 130 -11.69 11.99 22.73
CA PRO B 130 -12.59 11.17 23.56
C PRO B 130 -12.31 9.67 23.58
N GLY B 131 -11.39 9.20 22.76
CA GLY B 131 -11.08 7.78 22.76
C GLY B 131 -11.96 6.97 21.82
N VAL B 132 -12.73 7.67 20.98
CA VAL B 132 -13.61 7.02 19.99
C VAL B 132 -13.41 7.75 18.66
N SER B 133 -13.57 7.00 17.58
CA SER B 133 -13.41 7.49 16.21
C SER B 133 -14.46 8.51 15.77
N ASN B 134 -14.20 9.13 14.62
CA ASN B 134 -15.12 10.10 14.05
C ASN B 134 -16.44 9.41 13.73
N GLN B 135 -16.37 8.20 13.19
CA GLN B 135 -17.58 7.45 12.82
C GLN B 135 -18.51 7.25 14.01
N PHE B 136 -17.94 7.04 15.19
CA PHE B 136 -18.72 6.83 16.40
C PHE B 136 -19.46 8.12 16.76
N LEU B 137 -18.75 9.24 16.70
CA LEU B 137 -19.35 10.53 17.00
C LEU B 137 -20.44 10.82 15.97
N ILE B 138 -20.18 10.48 14.71
CA ILE B 138 -21.16 10.67 13.64
C ILE B 138 -22.40 9.80 13.85
N ASN B 139 -22.20 8.51 14.09
CA ASN B 139 -23.32 7.56 14.28
C ASN B 139 -24.21 7.86 15.47
N THR B 140 -23.67 8.52 16.49
CA THR B 140 -24.44 8.84 17.68
C THR B 140 -25.10 10.22 17.61
N ASN B 141 -25.00 10.88 16.47
CA ASN B 141 -25.60 12.20 16.29
C ASN B 141 -25.00 13.16 17.32
N SER B 142 -23.70 13.04 17.53
CA SER B 142 -22.97 13.87 18.48
C SER B 142 -23.03 15.36 18.13
N GLU B 143 -23.05 16.19 19.16
CA GLU B 143 -23.08 17.63 18.98
C GLU B 143 -21.91 18.06 18.08
N LEU B 144 -20.75 17.43 18.26
CA LEU B 144 -19.58 17.77 17.45
C LEU B 144 -19.76 17.46 15.97
N ALA B 145 -20.38 16.32 15.65
CA ALA B 145 -20.59 15.93 14.25
C ALA B 145 -21.58 16.88 13.57
N LEU B 146 -22.62 17.29 14.29
CA LEU B 146 -23.61 18.20 13.74
C LEU B 146 -22.99 19.59 13.50
N MET B 147 -22.01 19.91 14.32
CA MET B 147 -21.30 21.18 14.27
C MET B 147 -20.42 21.26 13.02
N TYR B 148 -19.67 20.19 12.77
CA TYR B 148 -18.75 20.14 11.64
C TYR B 148 -19.24 19.34 10.44
N ASN B 149 -20.55 19.12 10.38
CA ASN B 149 -21.17 18.38 9.29
C ASN B 149 -20.45 17.08 8.93
N ASP B 150 -20.21 16.26 9.95
CA ASP B 150 -19.55 14.95 9.82
C ASP B 150 -18.19 14.92 9.12
N GLU B 151 -17.60 16.09 8.90
CA GLU B 151 -16.31 16.17 8.22
C GLU B 151 -15.16 16.45 9.19
N SER B 152 -14.17 15.55 9.21
CA SER B 152 -13.01 15.68 10.09
C SER B 152 -13.47 16.17 11.46
N VAL B 153 -14.50 15.52 12.00
CA VAL B 153 -15.06 15.95 13.28
C VAL B 153 -14.05 16.15 14.41
N LEU B 154 -13.28 15.13 14.75
CA LEU B 154 -12.30 15.25 15.83
C LEU B 154 -11.20 16.26 15.53
N GLU B 155 -10.67 16.21 14.32
CA GLU B 155 -9.59 17.10 13.93
C GLU B 155 -10.01 18.58 14.05
N ASN B 156 -11.22 18.90 13.63
CA ASN B 156 -11.69 20.27 13.78
C ASN B 156 -11.80 20.60 15.25
N HIS B 157 -12.20 19.60 16.04
CA HIS B 157 -12.34 19.81 17.47
C HIS B 157 -10.98 20.05 18.14
N HIS B 158 -9.96 19.31 17.71
CA HIS B 158 -8.64 19.46 18.29
C HIS B 158 -8.11 20.88 18.01
N LEU B 159 -8.36 21.36 16.80
CA LEU B 159 -7.95 22.70 16.41
C LEU B 159 -8.65 23.76 17.27
N ALA B 160 -9.96 23.63 17.40
CA ALA B 160 -10.76 24.56 18.18
C ALA B 160 -10.28 24.64 19.62
N VAL B 161 -10.06 23.48 20.25
CA VAL B 161 -9.60 23.46 21.62
C VAL B 161 -8.19 23.99 21.79
N GLY B 162 -7.29 23.60 20.89
CA GLY B 162 -5.92 24.06 20.96
C GLY B 162 -5.79 25.57 20.90
N PHE B 163 -6.49 26.19 19.97
CA PHE B 163 -6.46 27.63 19.83
C PHE B 163 -7.24 28.33 20.94
N LYS B 164 -8.34 27.72 21.37
CA LYS B 164 -9.18 28.32 22.41
C LYS B 164 -8.47 28.44 23.75
N LEU B 165 -7.61 27.47 24.06
CA LEU B 165 -6.90 27.49 25.32
C LEU B 165 -5.90 28.64 25.43
N LEU B 166 -5.55 29.24 24.31
CA LEU B 166 -4.62 30.38 24.29
C LEU B 166 -5.28 31.54 25.04
N GLN B 167 -6.61 31.54 25.06
CA GLN B 167 -7.37 32.59 25.70
C GLN B 167 -7.50 32.49 27.21
N GLU B 168 -7.05 31.39 27.80
CA GLU B 168 -7.14 31.28 29.25
C GLU B 168 -6.07 32.18 29.90
N ASP B 169 -6.22 32.43 31.19
CA ASP B 169 -5.31 33.33 31.91
C ASP B 169 -3.81 33.10 31.69
N ASN B 170 -3.16 34.08 31.07
CA ASN B 170 -1.73 34.02 30.80
C ASN B 170 -1.35 32.80 29.96
N CYS B 171 -2.15 32.49 28.94
CA CYS B 171 -1.88 31.34 28.08
C CYS B 171 -1.60 31.73 26.63
N ASP B 172 -1.65 33.02 26.31
CA ASP B 172 -1.41 33.43 24.94
C ASP B 172 0.06 33.49 24.55
N ILE B 173 0.60 32.33 24.18
CA ILE B 173 2.00 32.25 23.79
C ILE B 173 2.29 33.04 22.50
N PHE B 174 1.24 33.37 21.76
CA PHE B 174 1.43 34.11 20.51
C PHE B 174 1.18 35.60 20.63
N GLN B 175 1.05 36.09 21.86
CA GLN B 175 0.79 37.50 22.10
C GLN B 175 1.74 38.45 21.39
N ASN B 176 3.02 38.08 21.30
CA ASN B 176 3.98 38.97 20.65
C ASN B 176 4.24 38.76 19.16
N LEU B 177 3.45 37.90 18.53
CA LEU B 177 3.59 37.69 17.09
C LEU B 177 2.83 38.84 16.47
N SER B 178 3.18 39.21 15.24
CA SER B 178 2.48 40.28 14.57
C SER B 178 1.17 39.71 14.05
N LYS B 179 0.32 40.58 13.54
CA LYS B 179 -0.97 40.18 13.00
C LYS B 179 -0.82 39.20 11.84
N ARG B 180 0.04 39.53 10.87
CA ARG B 180 0.22 38.65 9.72
C ARG B 180 0.86 37.33 10.09
N GLN B 181 1.70 37.33 11.12
CA GLN B 181 2.35 36.09 11.56
C GLN B 181 1.30 35.16 12.16
N ARG B 182 0.43 35.74 12.97
CA ARG B 182 -0.63 34.96 13.61
C ARG B 182 -1.58 34.36 12.59
N GLN B 183 -1.95 35.14 11.58
CA GLN B 183 -2.86 34.66 10.54
C GLN B 183 -2.20 33.55 9.72
N SER B 184 -0.91 33.71 9.44
CA SER B 184 -0.16 32.72 8.67
C SER B 184 -0.01 31.43 9.48
N LEU B 185 0.34 31.57 10.75
CA LEU B 185 0.51 30.44 11.66
C LEU B 185 -0.81 29.65 11.75
N ARG B 186 -1.92 30.36 11.95
CA ARG B 186 -3.23 29.71 12.05
C ARG B 186 -3.55 28.86 10.82
N LYS B 187 -3.34 29.45 9.64
CA LYS B 187 -3.60 28.77 8.38
C LYS B 187 -2.76 27.49 8.26
N MET B 188 -1.48 27.58 8.59
CA MET B 188 -0.60 26.41 8.51
C MET B 188 -0.98 25.34 9.52
N VAL B 189 -1.22 25.74 10.76
CA VAL B 189 -1.61 24.81 11.80
C VAL B 189 -2.91 24.09 11.45
N ILE B 190 -3.86 24.80 10.86
CA ILE B 190 -5.12 24.20 10.46
C ILE B 190 -4.86 23.11 9.42
N ASP B 191 -4.07 23.44 8.41
CA ASP B 191 -3.75 22.47 7.37
C ASP B 191 -3.07 21.22 7.90
N MET B 192 -2.13 21.40 8.82
CA MET B 192 -1.40 20.27 9.38
C MET B 192 -2.26 19.36 10.26
N VAL B 193 -3.15 19.92 11.07
CA VAL B 193 -3.98 19.08 11.93
C VAL B 193 -5.06 18.35 11.13
N LEU B 194 -5.64 19.04 10.16
CA LEU B 194 -6.68 18.42 9.35
C LEU B 194 -6.06 17.28 8.54
N ALA B 195 -4.76 17.39 8.27
CA ALA B 195 -4.08 16.36 7.50
C ALA B 195 -3.82 15.10 8.34
N THR B 196 -4.18 15.12 9.63
CA THR B 196 -3.98 13.93 10.45
C THR B 196 -5.22 13.05 10.42
N ASP B 197 -6.25 13.54 9.73
CA ASP B 197 -7.50 12.81 9.55
C ASP B 197 -7.14 11.62 8.66
N MET B 198 -7.23 10.41 9.19
CA MET B 198 -6.88 9.22 8.42
C MET B 198 -7.63 9.04 7.11
N SER B 199 -8.87 9.52 7.03
CA SER B 199 -9.64 9.38 5.80
C SER B 199 -9.02 10.17 4.64
N LYS B 200 -8.07 11.05 4.97
CA LYS B 200 -7.41 11.87 3.95
C LYS B 200 -6.05 11.29 3.55
N HIS B 201 -5.65 10.21 4.19
CA HIS B 201 -4.36 9.57 3.94
C HIS B 201 -3.98 9.32 2.49
N MET B 202 -4.80 8.58 1.77
CA MET B 202 -4.47 8.26 0.37
C MET B 202 -4.20 9.47 -0.50
N THR B 203 -5.05 10.49 -0.44
CA THR B 203 -4.85 11.68 -1.26
C THR B 203 -3.61 12.45 -0.85
N LEU B 204 -3.37 12.52 0.46
CA LEU B 204 -2.20 13.21 0.98
C LEU B 204 -0.94 12.54 0.45
N LEU B 205 -0.90 11.21 0.51
CA LEU B 205 0.26 10.48 0.02
C LEU B 205 0.42 10.57 -1.49
N ALA B 206 -0.69 10.46 -2.22
CA ALA B 206 -0.63 10.56 -3.67
C ALA B 206 -0.02 11.90 -4.06
N ASP B 207 -0.44 12.96 -3.39
CA ASP B 207 0.08 14.30 -3.66
C ASP B 207 1.57 14.35 -3.35
N LEU B 208 1.96 13.84 -2.19
CA LEU B 208 3.37 13.83 -1.80
C LEU B 208 4.21 13.10 -2.85
N LYS B 209 3.77 11.90 -3.21
CA LYS B 209 4.46 11.08 -4.21
C LYS B 209 4.64 11.88 -5.49
N THR B 210 3.60 12.57 -5.93
CA THR B 210 3.66 13.36 -7.15
C THR B 210 4.71 14.46 -7.03
N MET B 211 4.69 15.19 -5.92
CA MET B 211 5.67 16.25 -5.69
C MET B 211 7.09 15.69 -5.69
N VAL B 212 7.26 14.53 -5.08
CA VAL B 212 8.57 13.90 -4.99
C VAL B 212 9.17 13.58 -6.36
N GLU B 213 8.35 13.23 -7.33
CA GLU B 213 8.87 12.91 -8.66
C GLU B 213 9.51 14.08 -9.37
N THR B 214 9.12 15.31 -9.01
CA THR B 214 9.70 16.47 -9.65
C THR B 214 10.45 17.35 -8.65
N LYS B 215 10.86 16.74 -7.53
CA LYS B 215 11.56 17.47 -6.49
C LYS B 215 12.85 18.06 -7.03
N LYS B 216 13.35 19.09 -6.36
CA LYS B 216 14.59 19.74 -6.76
C LYS B 216 15.51 19.79 -5.55
N VAL B 217 16.81 19.68 -5.81
CA VAL B 217 17.80 19.71 -4.75
C VAL B 217 18.95 20.63 -5.11
N THR B 218 19.52 21.29 -4.11
CA THR B 218 20.63 22.19 -4.32
C THR B 218 21.87 21.39 -4.71
N SER B 219 22.90 22.08 -5.19
CA SER B 219 24.12 21.42 -5.60
C SER B 219 24.73 20.61 -4.45
N SER B 220 24.15 20.73 -3.26
CA SER B 220 24.63 20.02 -2.09
C SER B 220 23.86 18.73 -1.82
N GLY B 221 22.59 18.71 -2.23
CA GLY B 221 21.77 17.53 -2.01
C GLY B 221 20.57 17.88 -1.15
N VAL B 222 20.50 19.14 -0.72
CA VAL B 222 19.40 19.61 0.11
C VAL B 222 18.21 19.99 -0.77
N LEU B 223 17.01 19.65 -0.32
CA LEU B 223 15.80 19.95 -1.07
C LEU B 223 15.59 21.44 -1.29
N LEU B 224 14.99 21.78 -2.42
CA LEU B 224 14.70 23.17 -2.74
C LEU B 224 13.18 23.31 -2.79
N LEU B 225 12.60 24.01 -1.82
CA LEU B 225 11.16 24.21 -1.75
C LEU B 225 10.90 25.71 -1.71
N ASP B 226 11.06 26.35 -2.86
CA ASP B 226 10.86 27.79 -2.97
C ASP B 226 9.40 28.22 -2.83
N ASN B 227 8.48 27.38 -3.30
CA ASN B 227 7.05 27.68 -3.24
C ASN B 227 6.41 27.22 -1.94
N TYR B 228 5.57 28.08 -1.36
CA TYR B 228 4.87 27.76 -0.13
C TYR B 228 4.06 26.48 -0.32
N SER B 229 3.49 26.34 -1.52
CA SER B 229 2.69 25.18 -1.86
C SER B 229 3.41 23.89 -1.48
N ASP B 230 4.66 23.74 -1.94
CA ASP B 230 5.43 22.54 -1.62
C ASP B 230 5.79 22.47 -0.14
N ARG B 231 6.12 23.62 0.46
CA ARG B 231 6.49 23.64 1.86
C ARG B 231 5.38 23.12 2.78
N ILE B 232 4.16 23.63 2.62
CA ILE B 232 3.07 23.18 3.46
C ILE B 232 2.71 21.72 3.18
N GLN B 233 2.90 21.29 1.94
CA GLN B 233 2.61 19.91 1.59
C GLN B 233 3.56 19.01 2.38
N VAL B 234 4.83 19.41 2.44
CA VAL B 234 5.84 18.66 3.19
C VAL B 234 5.52 18.66 4.68
N LEU B 235 5.12 19.82 5.19
CA LEU B 235 4.77 19.94 6.60
C LEU B 235 3.56 19.07 6.94
N ARG B 236 2.55 19.07 6.07
CA ARG B 236 1.35 18.26 6.31
C ARG B 236 1.72 16.78 6.47
N ASN B 237 2.53 16.28 5.54
CA ASN B 237 2.98 14.90 5.55
C ASN B 237 3.95 14.61 6.71
N MET B 238 4.73 15.61 7.10
CA MET B 238 5.68 15.44 8.19
C MET B 238 4.92 15.12 9.47
N VAL B 239 3.92 15.94 9.76
CA VAL B 239 3.11 15.73 10.96
C VAL B 239 2.33 14.42 10.83
N HIS B 240 1.92 14.10 9.61
CA HIS B 240 1.19 12.86 9.34
C HIS B 240 2.13 11.68 9.64
N CYS B 241 3.37 11.78 9.16
CA CYS B 241 4.37 10.74 9.40
C CYS B 241 4.65 10.58 10.90
N ALA B 242 4.76 11.71 11.61
CA ALA B 242 5.02 11.66 13.04
C ALA B 242 3.86 10.96 13.77
N ASP B 243 2.66 11.23 13.30
CA ASP B 243 1.45 10.65 13.88
C ASP B 243 1.45 9.15 13.62
N LEU B 244 2.05 8.73 12.49
CA LEU B 244 2.14 7.32 12.16
C LEU B 244 3.60 6.85 12.23
N SER B 245 4.29 7.22 13.30
CA SER B 245 5.70 6.85 13.44
C SER B 245 5.97 5.71 14.42
N ASN B 246 4.96 5.30 15.18
CA ASN B 246 5.12 4.22 16.16
C ASN B 246 5.83 2.99 15.56
N PRO B 247 5.37 2.49 14.41
CA PRO B 247 5.99 1.31 13.79
C PRO B 247 7.44 1.49 13.35
N THR B 248 7.92 2.74 13.32
CA THR B 248 9.30 3.02 12.91
C THR B 248 10.23 3.16 14.12
N LYS B 249 9.67 3.06 15.32
CA LYS B 249 10.47 3.18 16.54
C LYS B 249 10.96 1.79 16.96
N PRO B 250 11.90 1.73 17.94
CA PRO B 250 12.37 0.41 18.34
C PRO B 250 11.19 -0.48 18.75
N LEU B 251 11.29 -1.76 18.43
CA LEU B 251 10.23 -2.73 18.72
C LEU B 251 9.64 -2.67 20.13
N GLU B 252 10.48 -2.50 21.15
CA GLU B 252 9.97 -2.45 22.52
C GLU B 252 9.00 -1.29 22.72
N LEU B 253 9.24 -0.16 22.03
CA LEU B 253 8.34 0.98 22.14
C LEU B 253 7.10 0.75 21.28
N TYR B 254 7.34 0.37 20.02
CA TYR B 254 6.27 0.09 19.07
C TYR B 254 5.23 -0.87 19.65
N ARG B 255 5.69 -1.94 20.29
CA ARG B 255 4.77 -2.90 20.88
C ARG B 255 3.95 -2.30 22.00
N GLN B 256 4.52 -1.34 22.73
CA GLN B 256 3.76 -0.69 23.81
C GLN B 256 2.69 0.21 23.18
N TRP B 257 3.06 0.90 22.10
CA TRP B 257 2.14 1.79 21.39
C TRP B 257 0.97 0.97 20.85
N THR B 258 1.28 -0.18 20.28
CA THR B 258 0.26 -1.08 19.73
C THR B 258 -0.69 -1.56 20.82
N ASP B 259 -0.13 -1.97 21.96
CA ASP B 259 -0.98 -2.43 23.06
C ASP B 259 -1.94 -1.31 23.45
N ARG B 260 -1.47 -0.08 23.37
CA ARG B 260 -2.34 1.03 23.76
C ARG B 260 -3.49 1.27 22.77
N ILE B 261 -3.18 1.41 21.49
CA ILE B 261 -4.23 1.66 20.50
C ILE B 261 -5.28 0.54 20.50
N MET B 262 -4.83 -0.70 20.69
CA MET B 262 -5.76 -1.84 20.71
C MET B 262 -6.71 -1.73 21.90
N ALA B 263 -6.16 -1.43 23.08
CA ALA B 263 -6.98 -1.29 24.26
C ALA B 263 -8.01 -0.19 24.01
N GLU B 264 -7.60 0.86 23.28
CA GLU B 264 -8.52 1.95 23.01
C GLU B 264 -9.62 1.49 22.04
N PHE B 265 -9.22 0.74 21.01
CA PHE B 265 -10.18 0.20 20.03
C PHE B 265 -11.20 -0.71 20.69
N PHE B 266 -10.72 -1.59 21.57
CA PHE B 266 -11.59 -2.54 22.24
C PHE B 266 -12.60 -1.88 23.15
N GLN B 267 -12.23 -0.74 23.73
CA GLN B 267 -13.18 -0.05 24.59
C GLN B 267 -14.29 0.54 23.71
N GLN B 268 -13.94 1.10 22.56
CA GLN B 268 -14.96 1.65 21.67
C GLN B 268 -15.87 0.49 21.26
N GLY B 269 -15.24 -0.61 20.87
CA GLY B 269 -16.01 -1.78 20.47
C GLY B 269 -16.97 -2.21 21.56
N ASP B 270 -16.50 -2.27 22.80
CA ASP B 270 -17.38 -2.66 23.88
C ASP B 270 -18.56 -1.69 23.98
N ARG B 271 -18.30 -0.40 23.82
CA ARG B 271 -19.36 0.59 23.88
C ARG B 271 -20.35 0.44 22.72
N GLU B 272 -19.85 0.19 21.52
CA GLU B 272 -20.73 0.03 20.37
C GLU B 272 -21.65 -1.17 20.61
N ARG B 273 -21.09 -2.22 21.21
CA ARG B 273 -21.82 -3.45 21.50
C ARG B 273 -22.95 -3.17 22.50
N GLU B 274 -22.64 -2.44 23.57
CA GLU B 274 -23.65 -2.11 24.58
C GLU B 274 -24.77 -1.34 23.90
N ARG B 275 -24.40 -0.49 22.95
CA ARG B 275 -25.35 0.34 22.23
C ARG B 275 -26.08 -0.38 21.10
N GLY B 276 -25.61 -1.57 20.75
CA GLY B 276 -26.24 -2.33 19.68
C GLY B 276 -25.82 -1.84 18.31
N MET B 277 -24.71 -1.13 18.25
CA MET B 277 -24.19 -0.60 17.00
C MET B 277 -23.28 -1.64 16.37
N GLU B 278 -22.98 -1.47 15.08
CA GLU B 278 -22.07 -2.37 14.38
C GLU B 278 -20.68 -2.04 14.91
N ILE B 279 -19.93 -3.06 15.29
CA ILE B 279 -18.59 -2.84 15.84
C ILE B 279 -17.59 -2.41 14.77
N SER B 280 -16.98 -1.24 14.99
CA SER B 280 -15.99 -0.69 14.06
C SER B 280 -14.84 -1.66 13.85
N PRO B 281 -14.07 -1.46 12.77
CA PRO B 281 -12.92 -2.32 12.44
C PRO B 281 -11.90 -2.44 13.56
N MET B 282 -11.56 -3.69 13.89
CA MET B 282 -10.57 -3.99 14.92
C MET B 282 -10.95 -3.63 16.34
N CYS B 283 -12.21 -3.27 16.55
CA CYS B 283 -12.67 -2.90 17.88
C CYS B 283 -13.35 -4.06 18.60
N ASP B 284 -13.41 -5.21 17.96
CA ASP B 284 -14.03 -6.39 18.58
C ASP B 284 -12.94 -7.25 19.21
N LYS B 285 -12.81 -7.15 20.53
CA LYS B 285 -11.81 -7.91 21.26
C LYS B 285 -11.99 -9.42 21.09
N HIS B 286 -13.21 -9.84 20.78
CA HIS B 286 -13.51 -11.26 20.63
C HIS B 286 -13.11 -11.86 19.28
N THR B 287 -12.40 -11.09 18.45
CA THR B 287 -11.96 -11.60 17.16
C THR B 287 -10.68 -10.97 16.65
N ALA B 288 -10.37 -9.79 17.17
CA ALA B 288 -9.19 -9.05 16.74
C ALA B 288 -7.88 -9.81 16.81
N SER B 289 -7.04 -9.60 15.82
CA SER B 289 -5.73 -10.23 15.74
C SER B 289 -4.69 -9.11 15.64
N VAL B 290 -4.31 -8.59 16.80
CA VAL B 290 -3.35 -7.50 16.89
C VAL B 290 -2.14 -7.58 15.96
N GLU B 291 -1.47 -8.73 15.94
CA GLU B 291 -0.29 -8.87 15.10
C GLU B 291 -0.61 -8.83 13.61
N LYS B 292 -1.70 -9.49 13.22
CA LYS B 292 -2.10 -9.50 11.81
C LYS B 292 -2.49 -8.09 11.36
N SER B 293 -3.23 -7.38 12.23
CA SER B 293 -3.67 -6.02 11.91
C SER B 293 -2.48 -5.08 11.72
N GLN B 294 -1.43 -5.26 12.51
CA GLN B 294 -0.26 -4.40 12.38
C GLN B 294 0.44 -4.70 11.07
N VAL B 295 0.41 -5.95 10.65
CA VAL B 295 1.02 -6.37 9.40
C VAL B 295 0.32 -5.64 8.25
N GLY B 296 -1.00 -5.70 8.24
CA GLY B 296 -1.76 -5.03 7.19
C GLY B 296 -1.66 -3.52 7.24
N PHE B 297 -1.66 -2.99 8.45
CA PHE B 297 -1.55 -1.55 8.66
C PHE B 297 -0.26 -1.05 8.01
N ILE B 298 0.84 -1.72 8.31
CA ILE B 298 2.14 -1.33 7.76
C ILE B 298 2.23 -1.53 6.25
N ASP B 299 1.72 -2.67 5.78
CA ASP B 299 1.77 -2.96 4.35
C ASP B 299 0.95 -1.99 3.48
N TYR B 300 -0.28 -1.69 3.91
CA TYR B 300 -1.16 -0.81 3.14
C TYR B 300 -1.07 0.68 3.43
N ILE B 301 -0.60 1.05 4.61
CA ILE B 301 -0.54 2.45 4.98
C ILE B 301 0.82 3.03 5.37
N VAL B 302 1.39 2.51 6.45
CA VAL B 302 2.66 3.01 6.97
C VAL B 302 3.90 2.84 6.10
N HIS B 303 4.07 1.67 5.48
CA HIS B 303 5.25 1.49 4.65
C HIS B 303 5.21 2.37 3.40
N PRO B 304 4.06 2.43 2.71
CA PRO B 304 4.00 3.27 1.52
C PRO B 304 4.30 4.72 1.91
N LEU B 305 3.73 5.15 3.03
CA LEU B 305 3.94 6.51 3.53
C LEU B 305 5.41 6.78 3.81
N TRP B 306 6.02 5.98 4.67
CA TRP B 306 7.42 6.20 4.99
C TRP B 306 8.37 5.97 3.82
N GLU B 307 8.02 5.03 2.94
CA GLU B 307 8.88 4.79 1.79
C GLU B 307 8.92 6.05 0.93
N THR B 308 7.77 6.72 0.82
CA THR B 308 7.69 7.94 0.02
C THR B 308 8.43 9.09 0.71
N TRP B 309 8.31 9.19 2.04
CA TRP B 309 9.03 10.24 2.77
C TRP B 309 10.53 9.98 2.61
N ALA B 310 10.90 8.71 2.72
CA ALA B 310 12.30 8.30 2.60
C ALA B 310 12.85 8.78 1.25
N ASP B 311 12.02 8.67 0.22
CA ASP B 311 12.43 9.08 -1.12
C ASP B 311 12.64 10.58 -1.13
N LEU B 312 11.73 11.31 -0.50
CA LEU B 312 11.80 12.78 -0.45
C LEU B 312 13.09 13.29 0.17
N VAL B 313 13.47 12.72 1.32
CA VAL B 313 14.67 13.14 2.04
C VAL B 313 15.87 12.20 1.91
N HIS B 314 15.82 11.28 0.95
CA HIS B 314 16.89 10.31 0.75
C HIS B 314 18.28 10.92 0.88
N PRO B 315 19.18 10.25 1.64
CA PRO B 315 18.99 9.00 2.37
C PRO B 315 18.76 9.15 3.88
N ASP B 316 18.39 10.35 4.32
CA ASP B 316 18.18 10.60 5.75
C ASP B 316 17.31 9.61 6.50
N ALA B 317 16.25 9.14 5.86
CA ALA B 317 15.34 8.22 6.53
C ALA B 317 15.60 6.74 6.30
N GLN B 318 16.74 6.40 5.72
CA GLN B 318 17.06 5.00 5.46
C GLN B 318 16.94 4.11 6.70
N GLU B 319 17.55 4.53 7.81
CA GLU B 319 17.52 3.75 9.04
C GLU B 319 16.11 3.60 9.63
N ILE B 320 15.29 4.63 9.46
CA ILE B 320 13.92 4.59 9.97
C ILE B 320 13.18 3.55 9.15
N LEU B 321 13.42 3.57 7.85
CA LEU B 321 12.75 2.64 6.93
C LEU B 321 13.15 1.20 7.25
N ASP B 322 14.44 0.97 7.52
CA ASP B 322 14.91 -0.38 7.85
C ASP B 322 14.22 -0.90 9.10
N THR B 323 14.11 -0.04 10.11
CA THR B 323 13.47 -0.43 11.36
C THR B 323 12.01 -0.83 11.12
N LEU B 324 11.31 -0.04 10.33
CA LEU B 324 9.91 -0.32 10.01
C LEU B 324 9.76 -1.71 9.41
N GLU B 325 10.62 -2.04 8.46
CA GLU B 325 10.54 -3.34 7.81
C GLU B 325 10.88 -4.48 8.77
N ASP B 326 11.84 -4.25 9.66
CA ASP B 326 12.20 -5.27 10.64
C ASP B 326 11.00 -5.52 11.54
N ASN B 327 10.37 -4.44 12.01
CA ASN B 327 9.21 -4.57 12.88
C ASN B 327 8.05 -5.23 12.17
N ARG B 328 7.94 -4.98 10.87
CA ARG B 328 6.86 -5.60 10.09
C ARG B 328 7.10 -7.11 10.15
N ASP B 329 8.35 -7.51 9.91
CA ASP B 329 8.70 -8.92 9.95
C ASP B 329 8.44 -9.53 11.30
N TRP B 330 8.77 -8.79 12.36
CA TRP B 330 8.56 -9.32 13.71
C TRP B 330 7.08 -9.60 13.95
N TYR B 331 6.21 -8.64 13.65
CA TYR B 331 4.78 -8.84 13.85
C TYR B 331 4.26 -9.95 12.95
N TYR B 332 4.86 -10.10 11.77
CA TYR B 332 4.44 -11.15 10.86
C TYR B 332 4.76 -12.51 11.46
N SER B 333 5.99 -12.66 11.94
CA SER B 333 6.44 -13.90 12.54
C SER B 333 5.79 -14.15 13.90
N ALA B 334 5.21 -13.10 14.47
CA ALA B 334 4.57 -13.24 15.78
C ALA B 334 3.08 -13.56 15.64
N ILE B 335 2.66 -13.86 14.42
CA ILE B 335 1.24 -14.19 14.21
C ILE B 335 1.00 -15.61 14.71
#